data_7C01
#
_entry.id   7C01
#
_cell.length_a   87.400
_cell.length_b   106.730
_cell.length_c   170.590
_cell.angle_alpha   90.000
_cell.angle_beta   90.000
_cell.angle_gamma   90.000
#
_symmetry.space_group_name_H-M   'P 21 21 21'
#
loop_
_entity.id
_entity.type
_entity.pdbx_description
1 polymer 'Spike protein S1'
2 polymer 'CB6 heavy chain'
3 polymer 'CB6 light chain'
4 non-polymer 2-acetamido-2-deoxy-beta-D-glucopyranose
#
loop_
_entity_poly.entity_id
_entity_poly.type
_entity_poly.pdbx_seq_one_letter_code
_entity_poly.pdbx_strand_id
1 'polypeptide(L)'
;RVQPTESIVRFPNITNLCPFGEVFNATRFASVYAWNRKRISNCVADYSVLYNSASFSTFKCYGVSPTKLNDLCFTNVYAD
SFVIRGDEVRQIAPGQTGKIADYNYKLPDDFTGCVIAWNSNNLDSKVGGNYNYLYRLFRKSNLKPFERDISTEIYQAGST
PCNGVEGFNCYFPLQSYGFQPTNGVGYQPYRVVVLSFELLHAPATVCGPKKSTNLVKNKCVNFHHHHHH
;
A,B
2 'polypeptide(L)'
;EVQLVESGGGLVQPGGSLRLSCAASGFTVSSNYMSWVRQAPGKGLEWVSVIYSGGSTFYADSVKGRFTISRDNSMNTLFL
QMNSLRAEDTAVYYCARVLPMYGDYLDYWGQGTLVTVSSASTKGPSVFPLAPSSKSTSGGTAALGCLVKDYFPEPVTVSW
NSGALTSGVHTFPAVLQSSGLYSLSSVVTVPSSSLGTQTYICNVNHKPSNTKVDKRVEPKSCDKTHTHHHHHH
;
H,C
3 'polypeptide(L)'
;DIVMTQSPSSLSASVGDRVTITCRASQSISRYLNWYQQKPGKAPKLLIYAASSLQSGVPSRFSGSGSGTDFTLTISSLQP
EDFATYYCQQSYSTPPEYTFGQGTKLEIKRTVAAPSVFIFPPSDEQLKSGTASVVCLLNNFYPREAKVQWKVDNALQSGN
SQESVTEQDSKDSTYSLSSTLTLSKADYEKHKVYACEVTHQGLSSPVTKSFNRGECS
;
L,D
#
# COMPACT_ATOMS: atom_id res chain seq x y z
N THR A 15 -50.86 -23.71 5.19
CA THR A 15 -49.79 -22.74 5.39
C THR A 15 -48.59 -23.02 4.47
N ASN A 16 -48.71 -22.65 3.20
CA ASN A 16 -47.61 -22.77 2.26
C ASN A 16 -46.61 -21.67 2.56
N LEU A 17 -45.36 -22.06 2.81
CA LEU A 17 -44.35 -21.10 3.21
C LEU A 17 -43.60 -20.59 1.98
N CYS A 18 -43.35 -19.28 1.97
CA CYS A 18 -42.74 -18.64 0.82
C CYS A 18 -41.36 -19.24 0.52
N PRO A 19 -41.03 -19.45 -0.76
CA PRO A 19 -39.75 -20.10 -1.10
C PRO A 19 -38.58 -19.13 -1.05
N PHE A 20 -38.29 -18.61 0.15
CA PHE A 20 -37.14 -17.72 0.30
C PHE A 20 -35.82 -18.48 0.19
N GLY A 21 -35.82 -19.78 0.50
CA GLY A 21 -34.62 -20.57 0.34
C GLY A 21 -34.16 -20.67 -1.10
N GLU A 22 -35.10 -20.61 -2.05
CA GLU A 22 -34.74 -20.62 -3.46
C GLU A 22 -33.93 -19.38 -3.82
N VAL A 23 -34.28 -18.23 -3.26
CA VAL A 23 -33.66 -16.98 -3.66
C VAL A 23 -32.34 -16.76 -2.93
N PHE A 24 -32.39 -16.77 -1.59
CA PHE A 24 -31.19 -16.45 -0.81
C PHE A 24 -30.13 -17.54 -0.95
N ASN A 25 -30.53 -18.81 -0.93
CA ASN A 25 -29.59 -19.92 -0.91
C ASN A 25 -29.39 -20.56 -2.28
N ALA A 26 -29.68 -19.84 -3.36
CA ALA A 26 -29.40 -20.36 -4.69
C ALA A 26 -27.89 -20.54 -4.88
N THR A 27 -27.54 -21.54 -5.68
CA THR A 27 -26.13 -21.83 -5.90
C THR A 27 -25.48 -20.81 -6.83
N ARG A 28 -26.19 -20.42 -7.89
CA ARG A 28 -25.72 -19.40 -8.82
C ARG A 28 -26.57 -18.16 -8.71
N PHE A 29 -25.92 -17.01 -8.69
CA PHE A 29 -26.59 -15.71 -8.74
C PHE A 29 -26.32 -15.06 -10.10
N ALA A 30 -27.24 -14.20 -10.51
CA ALA A 30 -27.15 -13.58 -11.82
C ALA A 30 -26.25 -12.34 -11.77
N SER A 31 -25.65 -12.02 -12.92
CA SER A 31 -24.95 -10.75 -13.06
C SER A 31 -25.94 -9.61 -12.93
N VAL A 32 -25.44 -8.46 -12.47
CA VAL A 32 -26.34 -7.36 -12.12
C VAL A 32 -27.07 -6.83 -13.35
N TYR A 33 -26.38 -6.79 -14.50
CA TYR A 33 -27.02 -6.29 -15.71
C TYR A 33 -28.17 -7.18 -16.15
N ALA A 34 -28.09 -8.47 -15.85
CA ALA A 34 -29.13 -9.45 -16.15
C ALA A 34 -29.81 -9.92 -14.88
N TRP A 35 -30.08 -8.98 -13.97
CA TRP A 35 -30.55 -9.32 -12.63
C TRP A 35 -31.79 -10.22 -12.67
N ASN A 36 -31.85 -11.14 -11.71
CA ASN A 36 -32.90 -12.14 -11.65
C ASN A 36 -34.07 -11.62 -10.80
N ARG A 37 -35.28 -11.80 -11.30
CA ARG A 37 -36.49 -11.48 -10.56
C ARG A 37 -37.27 -12.77 -10.31
N LYS A 38 -37.73 -12.95 -9.07
CA LYS A 38 -38.54 -14.09 -8.69
C LYS A 38 -39.83 -13.58 -8.07
N ARG A 39 -40.96 -13.91 -8.69
CA ARG A 39 -42.25 -13.48 -8.18
C ARG A 39 -42.71 -14.42 -7.08
N ILE A 40 -43.28 -13.84 -6.02
CA ILE A 40 -43.68 -14.58 -4.83
C ILE A 40 -45.16 -14.31 -4.57
N SER A 41 -45.93 -15.38 -4.45
CA SER A 41 -47.38 -15.26 -4.33
C SER A 41 -47.94 -16.52 -3.69
N ASN A 42 -49.11 -16.38 -3.08
CA ASN A 42 -49.85 -17.50 -2.49
C ASN A 42 -48.97 -18.32 -1.55
N CYS A 43 -48.39 -17.62 -0.57
CA CYS A 43 -47.65 -18.24 0.53
C CYS A 43 -47.70 -17.29 1.71
N VAL A 44 -47.09 -17.72 2.81
CA VAL A 44 -46.95 -16.88 3.99
C VAL A 44 -45.48 -16.80 4.36
N ALA A 45 -44.94 -15.57 4.35
CA ALA A 45 -43.52 -15.30 4.57
C ALA A 45 -43.30 -14.80 5.99
N ASP A 46 -42.55 -15.55 6.79
CA ASP A 46 -42.12 -15.05 8.10
C ASP A 46 -40.87 -14.23 7.87
N TYR A 47 -41.06 -12.95 7.56
CA TYR A 47 -39.92 -12.08 7.24
C TYR A 47 -38.96 -11.96 8.40
N SER A 48 -39.45 -12.11 9.64
CA SER A 48 -38.56 -11.93 10.80
C SER A 48 -37.35 -12.85 10.71
N VAL A 49 -37.55 -14.11 10.30
CA VAL A 49 -36.47 -15.10 10.28
C VAL A 49 -35.25 -14.57 9.54
N LEU A 50 -35.45 -13.66 8.58
CA LEU A 50 -34.35 -13.12 7.81
C LEU A 50 -33.64 -11.99 8.55
N TYR A 51 -34.42 -11.02 9.06
CA TYR A 51 -33.87 -9.93 9.86
C TYR A 51 -32.93 -10.47 10.94
N ASN A 52 -33.43 -11.36 11.79
CA ASN A 52 -32.63 -11.94 12.87
C ASN A 52 -31.77 -13.07 12.27
N SER A 53 -30.66 -12.70 11.66
CA SER A 53 -29.83 -13.75 11.12
C SER A 53 -28.35 -13.54 11.42
N ALA A 54 -27.91 -12.28 11.47
CA ALA A 54 -26.50 -11.92 11.58
C ALA A 54 -25.71 -12.39 10.37
N SER A 55 -26.39 -13.00 9.38
CA SER A 55 -25.70 -13.39 8.15
C SER A 55 -25.53 -12.21 7.20
N PHE A 56 -26.34 -11.17 7.34
CA PHE A 56 -26.43 -10.11 6.36
C PHE A 56 -25.63 -8.89 6.81
N SER A 57 -24.81 -8.36 5.91
CA SER A 57 -24.10 -7.11 6.19
C SER A 57 -25.02 -5.91 6.00
N THR A 58 -26.00 -6.01 5.11
CA THR A 58 -26.94 -4.94 4.82
C THR A 58 -28.36 -5.46 4.98
N PHE A 59 -29.17 -4.76 5.76
CA PHE A 59 -30.61 -5.03 5.85
C PHE A 59 -31.29 -3.69 6.13
N LYS A 60 -31.71 -3.01 5.06
CA LYS A 60 -32.32 -1.70 5.15
C LYS A 60 -33.66 -1.72 4.44
N CYS A 61 -34.69 -1.23 5.11
CA CYS A 61 -36.04 -1.22 4.58
C CYS A 61 -36.54 0.22 4.44
N TYR A 62 -37.40 0.45 3.44
CA TYR A 62 -37.89 1.77 3.10
C TYR A 62 -39.41 1.75 3.03
N GLY A 63 -40.04 2.79 3.58
CA GLY A 63 -41.49 2.87 3.65
C GLY A 63 -42.03 1.92 4.67
N VAL A 64 -41.80 0.64 4.42
CA VAL A 64 -41.99 -0.38 5.45
C VAL A 64 -40.95 -0.18 6.54
N SER A 65 -41.20 -0.76 7.70
CA SER A 65 -40.19 -0.80 8.74
C SER A 65 -39.79 -2.25 8.99
N PRO A 66 -38.49 -2.55 9.14
CA PRO A 66 -38.09 -3.97 9.19
C PRO A 66 -38.50 -4.66 10.47
N THR A 67 -38.37 -3.97 11.61
CA THR A 67 -39.20 -4.28 12.77
C THR A 67 -40.64 -4.46 12.32
N LYS A 68 -41.35 -5.41 12.92
CA LYS A 68 -42.81 -5.33 12.97
C LYS A 68 -43.43 -5.28 11.56
N LEU A 69 -43.03 -6.25 10.71
CA LEU A 69 -43.52 -6.24 9.33
C LEU A 69 -44.05 -7.59 8.82
N ASN A 70 -43.93 -8.68 9.58
CA ASN A 70 -44.77 -9.80 9.14
C ASN A 70 -46.27 -9.63 9.53
N ASP A 71 -46.64 -8.41 9.97
CA ASP A 71 -47.99 -8.04 10.32
C ASP A 71 -48.80 -7.48 9.15
N LEU A 72 -48.26 -7.55 7.93
CA LEU A 72 -48.91 -6.94 6.78
C LEU A 72 -49.19 -7.97 5.70
N CYS A 73 -50.07 -7.59 4.78
CA CYS A 73 -50.47 -8.40 3.63
C CYS A 73 -50.20 -7.63 2.35
N PHE A 74 -49.61 -8.30 1.37
CA PHE A 74 -49.33 -7.68 0.08
C PHE A 74 -49.89 -8.53 -1.04
N THR A 75 -50.08 -7.90 -2.20
CA THR A 75 -50.60 -8.62 -3.35
C THR A 75 -49.54 -9.56 -3.93
N ASN A 76 -48.35 -9.02 -4.22
CA ASN A 76 -47.25 -9.80 -4.77
C ASN A 76 -45.93 -9.26 -4.22
N VAL A 77 -45.00 -10.17 -3.97
CA VAL A 77 -43.65 -9.81 -3.51
C VAL A 77 -42.65 -10.20 -4.59
N TYR A 78 -41.78 -9.27 -4.95
CA TYR A 78 -40.75 -9.51 -5.95
C TYR A 78 -39.39 -9.60 -5.28
N ALA A 79 -38.63 -10.63 -5.62
CA ALA A 79 -37.30 -10.86 -5.06
C ALA A 79 -36.28 -10.73 -6.19
N ASP A 80 -35.55 -9.62 -6.21
CA ASP A 80 -34.54 -9.34 -7.22
C ASP A 80 -33.17 -9.66 -6.66
N SER A 81 -32.43 -10.54 -7.32
CA SER A 81 -31.14 -11.00 -6.85
C SER A 81 -30.07 -10.81 -7.93
N PHE A 82 -28.91 -10.34 -7.50
CA PHE A 82 -27.77 -10.14 -8.40
C PHE A 82 -26.51 -10.08 -7.54
N VAL A 83 -25.37 -9.83 -8.19
CA VAL A 83 -24.08 -9.77 -7.53
C VAL A 83 -23.38 -8.48 -7.93
N ILE A 84 -22.90 -7.73 -6.94
CA ILE A 84 -22.12 -6.52 -7.15
C ILE A 84 -20.96 -6.53 -6.15
N ARG A 85 -20.07 -5.55 -6.29
CA ARG A 85 -18.98 -5.41 -5.33
C ARG A 85 -19.47 -4.68 -4.09
N GLY A 86 -18.64 -4.71 -3.04
CA GLY A 86 -19.05 -4.16 -1.76
C GLY A 86 -19.31 -2.66 -1.81
N ASP A 87 -18.44 -1.91 -2.51
CA ASP A 87 -18.57 -0.46 -2.55
C ASP A 87 -19.82 -0.01 -3.30
N GLU A 88 -20.42 -0.88 -4.11
CA GLU A 88 -21.57 -0.51 -4.92
C GLU A 88 -22.91 -0.87 -4.29
N VAL A 89 -22.90 -1.55 -3.14
CA VAL A 89 -24.15 -1.88 -2.46
C VAL A 89 -24.87 -0.60 -2.03
N ARG A 90 -24.11 0.44 -1.68
CA ARG A 90 -24.72 1.72 -1.33
C ARG A 90 -25.54 2.31 -2.46
N GLN A 91 -25.32 1.87 -3.71
CA GLN A 91 -26.09 2.36 -4.84
C GLN A 91 -27.46 1.71 -4.94
N ILE A 92 -27.68 0.57 -4.29
CA ILE A 92 -28.98 -0.09 -4.32
C ILE A 92 -29.81 0.54 -3.20
N ALA A 93 -30.39 1.69 -3.52
CA ALA A 93 -31.16 2.50 -2.59
C ALA A 93 -31.88 3.59 -3.39
N PRO A 94 -33.00 4.12 -2.91
CA PRO A 94 -33.70 5.16 -3.67
C PRO A 94 -32.87 6.43 -3.80
N GLY A 95 -32.89 7.02 -4.99
CA GLY A 95 -32.25 8.29 -5.21
C GLY A 95 -30.75 8.25 -5.39
N GLN A 96 -30.18 7.11 -5.73
CA GLN A 96 -28.75 6.98 -5.92
C GLN A 96 -28.38 7.03 -7.39
N THR A 97 -27.12 7.37 -7.66
CA THR A 97 -26.59 7.37 -9.02
C THR A 97 -25.23 6.70 -9.01
N GLY A 98 -24.73 6.42 -10.21
CA GLY A 98 -23.55 5.62 -10.41
C GLY A 98 -23.77 4.53 -11.44
N LYS A 99 -22.68 3.86 -11.79
CA LYS A 99 -22.73 2.88 -12.87
C LYS A 99 -23.77 1.80 -12.63
N ILE A 100 -23.97 1.39 -11.37
CA ILE A 100 -24.93 0.35 -11.07
C ILE A 100 -26.35 0.90 -11.05
N ALA A 101 -26.56 2.02 -10.36
CA ALA A 101 -27.90 2.59 -10.28
C ALA A 101 -28.37 3.13 -11.61
N ASP A 102 -27.46 3.66 -12.43
CA ASP A 102 -27.86 4.30 -13.68
C ASP A 102 -28.02 3.29 -14.81
N TYR A 103 -27.16 2.27 -14.86
CA TYR A 103 -27.07 1.40 -16.02
C TYR A 103 -27.41 -0.06 -15.77
N ASN A 104 -27.48 -0.50 -14.51
CA ASN A 104 -27.69 -1.92 -14.23
C ASN A 104 -28.97 -2.19 -13.45
N TYR A 105 -29.17 -1.53 -12.31
CA TYR A 105 -30.34 -1.79 -11.48
C TYR A 105 -30.74 -0.50 -10.78
N LYS A 106 -31.94 -0.02 -11.07
CA LYS A 106 -32.42 1.26 -10.58
C LYS A 106 -33.64 1.06 -9.69
N LEU A 107 -33.57 1.61 -8.48
CA LEU A 107 -34.71 1.61 -7.56
C LEU A 107 -35.48 2.91 -7.68
N PRO A 108 -36.81 2.86 -7.62
CA PRO A 108 -37.61 4.10 -7.73
C PRO A 108 -37.43 4.98 -6.52
N ASP A 109 -37.76 6.27 -6.71
CA ASP A 109 -37.66 7.23 -5.61
C ASP A 109 -38.63 6.89 -4.49
N ASP A 110 -39.80 6.38 -4.83
CA ASP A 110 -40.82 6.00 -3.85
C ASP A 110 -40.78 4.53 -3.50
N PHE A 111 -39.59 3.93 -3.55
CA PHE A 111 -39.46 2.49 -3.29
C PHE A 111 -39.88 2.16 -1.86
N THR A 112 -40.69 1.11 -1.73
CA THR A 112 -41.07 0.57 -0.43
C THR A 112 -40.73 -0.92 -0.43
N GLY A 113 -39.70 -1.28 0.33
CA GLY A 113 -39.22 -2.65 0.38
C GLY A 113 -37.95 -2.73 1.20
N CYS A 114 -37.23 -3.83 1.03
CA CYS A 114 -36.02 -4.05 1.81
C CYS A 114 -34.86 -4.48 0.91
N VAL A 115 -33.67 -3.96 1.21
CA VAL A 115 -32.45 -4.30 0.50
C VAL A 115 -31.56 -5.11 1.44
N ILE A 116 -31.19 -6.31 1.01
CA ILE A 116 -30.43 -7.24 1.84
C ILE A 116 -29.20 -7.69 1.06
N ALA A 117 -28.03 -7.57 1.68
CA ALA A 117 -26.78 -7.96 1.03
C ALA A 117 -25.87 -8.62 2.05
N TRP A 118 -25.01 -9.52 1.56
CA TRP A 118 -24.04 -10.21 2.41
C TRP A 118 -22.82 -10.57 1.57
N ASN A 119 -21.68 -10.66 2.24
CA ASN A 119 -20.42 -10.96 1.56
C ASN A 119 -20.43 -12.39 1.04
N SER A 120 -20.06 -12.55 -0.23
CA SER A 120 -20.00 -13.86 -0.88
C SER A 120 -18.62 -14.12 -1.46
N ASN A 121 -17.57 -13.60 -0.82
CA ASN A 121 -16.21 -13.81 -1.31
C ASN A 121 -15.80 -15.28 -1.23
N ASN A 122 -16.39 -16.04 -0.31
CA ASN A 122 -16.05 -17.46 -0.23
C ASN A 122 -16.57 -18.24 -1.42
N LEU A 123 -17.63 -17.77 -2.06
CA LEU A 123 -18.28 -18.49 -3.15
C LEU A 123 -18.02 -17.89 -4.52
N ASP A 124 -18.02 -16.57 -4.64
CA ASP A 124 -17.96 -15.90 -5.93
C ASP A 124 -16.58 -15.39 -6.28
N SER A 125 -15.54 -15.81 -5.54
CA SER A 125 -14.17 -15.47 -5.86
C SER A 125 -13.42 -16.75 -6.22
N LYS A 126 -12.48 -16.65 -7.14
CA LYS A 126 -11.59 -17.78 -7.43
C LYS A 126 -10.23 -17.26 -7.82
N VAL A 127 -9.22 -18.08 -7.49
CA VAL A 127 -7.84 -17.72 -7.80
C VAL A 127 -7.65 -17.56 -9.30
N GLY A 128 -6.92 -16.53 -9.69
CA GLY A 128 -6.88 -16.08 -11.06
C GLY A 128 -8.04 -15.19 -11.44
N GLY A 129 -9.05 -15.06 -10.58
CA GLY A 129 -10.15 -14.17 -10.81
C GLY A 129 -11.41 -14.86 -11.31
N ASN A 130 -12.56 -14.43 -10.78
CA ASN A 130 -13.87 -14.91 -11.23
C ASN A 130 -14.48 -13.81 -12.09
N TYR A 131 -14.47 -14.03 -13.41
CA TYR A 131 -14.91 -13.02 -14.36
C TYR A 131 -16.25 -13.38 -14.99
N ASN A 132 -17.06 -14.19 -14.31
CA ASN A 132 -18.40 -14.51 -14.81
C ASN A 132 -19.43 -13.44 -14.45
N TYR A 133 -19.15 -12.60 -13.48
CA TYR A 133 -20.06 -11.54 -13.06
C TYR A 133 -19.74 -10.27 -13.83
N LEU A 134 -20.72 -9.77 -14.57
CA LEU A 134 -20.55 -8.59 -15.42
C LEU A 134 -21.41 -7.44 -14.89
N TYR A 135 -21.18 -6.27 -15.48
CA TYR A 135 -21.98 -5.08 -15.19
C TYR A 135 -21.94 -4.18 -16.42
N ARG A 136 -23.03 -3.46 -16.66
CA ARG A 136 -23.09 -2.59 -17.83
C ARG A 136 -22.24 -1.34 -17.60
N LEU A 137 -21.49 -0.98 -18.65
CA LEU A 137 -20.55 0.14 -18.61
C LEU A 137 -21.06 1.38 -19.32
N PHE A 138 -21.67 1.21 -20.48
CA PHE A 138 -22.12 2.30 -21.33
C PHE A 138 -23.63 2.29 -21.43
N ARG A 139 -24.23 3.48 -21.47
CA ARG A 139 -25.63 3.64 -21.83
C ARG A 139 -25.88 5.12 -22.11
N LYS A 140 -26.58 5.40 -23.20
CA LYS A 140 -26.89 6.78 -23.56
C LYS A 140 -27.89 7.38 -22.59
N SER A 141 -28.69 6.54 -21.93
CA SER A 141 -29.72 7.02 -21.03
C SER A 141 -29.69 6.19 -19.76
N ASN A 142 -30.08 6.83 -18.65
CA ASN A 142 -30.22 6.10 -17.40
C ASN A 142 -31.39 5.13 -17.48
N LEU A 143 -31.28 4.03 -16.75
CA LEU A 143 -32.37 3.08 -16.67
C LEU A 143 -33.54 3.67 -15.90
N LYS A 144 -34.74 3.25 -16.27
CA LYS A 144 -35.92 3.55 -15.49
C LYS A 144 -36.00 2.59 -14.30
N PRO A 145 -36.81 2.89 -13.30
CA PRO A 145 -36.94 1.98 -12.15
C PRO A 145 -37.37 0.59 -12.60
N PHE A 146 -36.67 -0.43 -12.09
CA PHE A 146 -36.94 -1.83 -12.36
C PHE A 146 -36.80 -2.19 -13.84
N GLU A 147 -35.99 -1.43 -14.59
CA GLU A 147 -35.72 -1.74 -15.98
C GLU A 147 -34.54 -2.69 -16.07
N ARG A 148 -34.59 -3.58 -17.06
CA ARG A 148 -33.61 -4.65 -17.22
C ARG A 148 -33.10 -4.64 -18.66
N ASP A 149 -31.85 -4.25 -18.85
CA ASP A 149 -31.24 -4.13 -20.18
C ASP A 149 -30.26 -5.27 -20.39
N ILE A 150 -30.54 -6.12 -21.38
CA ILE A 150 -29.73 -7.30 -21.69
C ILE A 150 -29.02 -7.14 -23.03
N SER A 151 -29.04 -5.94 -23.61
CA SER A 151 -28.41 -5.72 -24.91
C SER A 151 -26.89 -5.85 -24.81
N THR A 152 -26.29 -6.41 -25.88
CA THR A 152 -24.84 -6.51 -25.98
C THR A 152 -24.33 -5.87 -27.27
N GLU A 153 -25.09 -4.96 -27.87
CA GLU A 153 -24.69 -4.33 -29.11
C GLU A 153 -23.59 -3.32 -28.86
N ILE A 154 -22.63 -3.25 -29.79
CA ILE A 154 -21.45 -2.40 -29.61
C ILE A 154 -21.88 -0.96 -29.41
N TYR A 155 -21.33 -0.33 -28.38
CA TYR A 155 -21.69 1.05 -28.06
C TYR A 155 -20.97 2.02 -28.98
N GLN A 156 -21.74 2.93 -29.57
CA GLN A 156 -21.22 3.92 -30.52
C GLN A 156 -20.92 5.20 -29.76
N ALA A 157 -19.64 5.45 -29.48
CA ALA A 157 -19.22 6.63 -28.75
C ALA A 157 -18.90 7.81 -29.65
N GLY A 158 -18.84 7.60 -30.97
CA GLY A 158 -18.60 8.68 -31.91
C GLY A 158 -19.67 8.77 -32.96
N SER A 159 -19.41 9.52 -34.04
CA SER A 159 -20.36 9.63 -35.13
C SER A 159 -20.27 8.49 -36.13
N THR A 160 -19.20 7.69 -36.08
CA THR A 160 -19.05 6.58 -37.01
C THR A 160 -19.83 5.37 -36.52
N PRO A 161 -20.69 4.79 -37.34
CA PRO A 161 -21.39 3.57 -36.93
C PRO A 161 -20.40 2.43 -36.73
N CYS A 162 -20.78 1.50 -35.84
CA CYS A 162 -19.88 0.45 -35.40
C CYS A 162 -20.01 -0.84 -36.19
N ASN A 163 -21.21 -1.14 -36.69
CA ASN A 163 -21.46 -2.34 -37.50
C ASN A 163 -21.07 -3.62 -36.75
N GLY A 164 -21.27 -3.63 -35.44
CA GLY A 164 -20.98 -4.81 -34.65
C GLY A 164 -19.53 -5.20 -34.55
N VAL A 165 -18.62 -4.27 -34.81
CA VAL A 165 -17.19 -4.52 -34.70
C VAL A 165 -16.59 -3.46 -33.80
N GLU A 166 -15.71 -3.87 -32.89
CA GLU A 166 -15.16 -2.96 -31.91
C GLU A 166 -13.86 -2.32 -32.41
N GLY A 167 -13.52 -1.20 -31.79
CA GLY A 167 -12.41 -0.38 -32.21
C GLY A 167 -12.54 0.98 -31.55
N PHE A 168 -11.93 1.98 -32.18
CA PHE A 168 -12.02 3.33 -31.66
C PHE A 168 -13.46 3.82 -31.69
N ASN A 169 -13.93 4.32 -30.54
CA ASN A 169 -15.29 4.83 -30.36
C ASN A 169 -16.35 3.76 -30.60
N CYS A 170 -16.00 2.50 -30.44
CA CYS A 170 -16.95 1.40 -30.61
C CYS A 170 -16.56 0.32 -29.60
N TYR A 171 -17.26 0.29 -28.47
CA TYR A 171 -16.84 -0.49 -27.32
C TYR A 171 -17.92 -1.47 -26.89
N PHE A 172 -17.48 -2.60 -26.35
CA PHE A 172 -18.40 -3.58 -25.78
C PHE A 172 -19.03 -3.00 -24.52
N PRO A 173 -20.37 -3.04 -24.39
CA PRO A 173 -21.01 -2.34 -23.27
C PRO A 173 -20.82 -2.98 -21.91
N LEU A 174 -20.37 -4.23 -21.85
CA LEU A 174 -20.26 -4.95 -20.59
C LEU A 174 -18.81 -5.12 -20.19
N GLN A 175 -18.54 -5.01 -18.89
CA GLN A 175 -17.23 -5.25 -18.31
C GLN A 175 -17.36 -6.29 -17.21
N SER A 176 -16.29 -7.04 -17.00
CA SER A 176 -16.27 -8.09 -15.99
C SER A 176 -15.66 -7.57 -14.70
N TYR A 177 -16.22 -8.02 -13.57
CA TYR A 177 -15.75 -7.56 -12.27
C TYR A 177 -14.35 -8.09 -11.96
N GLY A 178 -14.20 -9.40 -11.88
CA GLY A 178 -12.92 -9.99 -11.53
C GLY A 178 -12.64 -10.04 -10.04
N PHE A 179 -13.45 -10.81 -9.32
CA PHE A 179 -13.26 -10.98 -7.89
C PHE A 179 -12.18 -12.02 -7.62
N GLN A 180 -11.22 -11.67 -6.76
CA GLN A 180 -10.20 -12.58 -6.28
C GLN A 180 -10.17 -12.56 -4.76
N PRO A 181 -9.75 -13.68 -4.13
CA PRO A 181 -9.99 -13.84 -2.69
C PRO A 181 -9.33 -12.80 -1.80
N THR A 182 -8.29 -12.10 -2.25
CA THR A 182 -7.69 -11.05 -1.44
C THR A 182 -7.93 -9.66 -2.02
N ASN A 183 -8.98 -9.50 -2.82
CA ASN A 183 -9.46 -8.16 -3.13
C ASN A 183 -9.90 -7.46 -1.85
N GLY A 184 -9.69 -6.15 -1.80
CA GLY A 184 -10.16 -5.37 -0.67
C GLY A 184 -11.65 -5.57 -0.46
N VAL A 185 -12.12 -5.43 0.78
CA VAL A 185 -13.52 -5.70 1.09
C VAL A 185 -14.45 -4.89 0.22
N GLY A 186 -14.03 -3.71 -0.20
CA GLY A 186 -14.82 -2.93 -1.15
C GLY A 186 -14.93 -3.60 -2.50
N TYR A 187 -13.86 -4.26 -2.95
CA TYR A 187 -13.86 -4.97 -4.22
C TYR A 187 -14.12 -6.47 -4.05
N GLN A 188 -14.85 -6.83 -3.02
CA GLN A 188 -15.20 -8.24 -2.86
C GLN A 188 -16.68 -8.44 -3.23
N PRO A 189 -17.03 -9.60 -3.77
CA PRO A 189 -18.40 -9.80 -4.25
C PRO A 189 -19.39 -9.90 -3.10
N TYR A 190 -20.54 -9.26 -3.28
CA TYR A 190 -21.65 -9.31 -2.34
C TYR A 190 -22.91 -9.74 -3.08
N ARG A 191 -23.65 -10.68 -2.50
CA ARG A 191 -24.93 -11.10 -3.05
C ARG A 191 -26.04 -10.23 -2.47
N VAL A 192 -26.89 -9.70 -3.34
CA VAL A 192 -27.92 -8.74 -2.95
C VAL A 192 -29.28 -9.32 -3.31
N VAL A 193 -30.25 -9.09 -2.43
CA VAL A 193 -31.64 -9.47 -2.66
C VAL A 193 -32.51 -8.27 -2.32
N VAL A 194 -33.29 -7.80 -3.29
CA VAL A 194 -34.19 -6.67 -3.10
C VAL A 194 -35.61 -7.21 -3.08
N LEU A 195 -36.30 -7.01 -1.96
CA LEU A 195 -37.68 -7.42 -1.79
C LEU A 195 -38.57 -6.20 -2.02
N SER A 196 -39.38 -6.23 -3.07
CA SER A 196 -40.30 -5.15 -3.40
C SER A 196 -41.72 -5.60 -3.10
N PHE A 197 -42.46 -4.78 -2.36
CA PHE A 197 -43.82 -5.10 -1.93
C PHE A 197 -44.80 -4.22 -2.69
N GLU A 198 -45.61 -4.84 -3.53
CA GLU A 198 -46.65 -4.12 -4.27
C GLU A 198 -47.99 -4.30 -3.59
N LEU A 199 -48.79 -3.23 -3.60
CA LEU A 199 -50.09 -3.21 -2.92
C LEU A 199 -51.11 -2.59 -3.87
N LEU A 200 -52.22 -3.29 -4.08
CA LEU A 200 -53.17 -2.89 -5.12
C LEU A 200 -54.62 -2.93 -4.65
N HIS A 201 -55.55 -2.71 -5.58
CA HIS A 201 -56.95 -3.04 -5.33
C HIS A 201 -57.13 -4.53 -5.11
N ALA A 202 -56.29 -5.34 -5.74
CA ALA A 202 -56.48 -6.77 -5.81
C ALA A 202 -56.34 -7.43 -4.45
N PRO A 203 -56.91 -8.62 -4.28
CA PRO A 203 -56.74 -9.34 -3.00
C PRO A 203 -55.27 -9.66 -2.74
N ALA A 204 -54.88 -9.56 -1.47
CA ALA A 204 -53.53 -9.92 -1.09
C ALA A 204 -53.37 -11.43 -1.11
N THR A 205 -52.19 -11.88 -1.55
CA THR A 205 -51.92 -13.31 -1.63
C THR A 205 -50.78 -13.77 -0.71
N VAL A 206 -50.00 -12.87 -0.14
CA VAL A 206 -48.90 -13.27 0.73
C VAL A 206 -48.93 -12.37 1.96
N CYS A 207 -49.37 -12.94 3.09
CA CYS A 207 -49.50 -12.23 4.38
C CYS A 207 -48.36 -12.55 5.35
N GLY A 208 -48.03 -13.83 5.51
CA GLY A 208 -46.94 -14.23 6.37
C GLY A 208 -47.13 -13.87 7.82
N PRO A 209 -48.12 -14.50 8.50
CA PRO A 209 -48.29 -14.25 9.93
C PRO A 209 -47.02 -14.51 10.74
N GLU B 1 -9.13 11.74 -36.13
CA GLU B 1 -8.42 12.30 -34.98
C GLU B 1 -9.38 12.68 -33.86
N VAL B 2 -8.81 13.01 -32.70
CA VAL B 2 -9.55 13.61 -31.60
C VAL B 2 -8.89 14.93 -31.23
N GLN B 3 -9.72 15.94 -30.96
CA GLN B 3 -9.21 17.23 -30.51
C GLN B 3 -10.16 17.80 -29.46
N LEU B 4 -9.59 18.34 -28.40
CA LEU B 4 -10.33 19.05 -27.36
C LEU B 4 -9.70 20.41 -27.17
N VAL B 5 -10.46 21.47 -27.43
CA VAL B 5 -9.98 22.84 -27.33
C VAL B 5 -10.79 23.56 -26.27
N GLU B 6 -10.08 24.21 -25.34
CA GLU B 6 -10.67 24.78 -24.14
C GLU B 6 -10.60 26.30 -24.18
N SER B 7 -11.57 26.94 -23.53
CA SER B 7 -11.68 28.40 -23.53
C SER B 7 -12.27 28.86 -22.21
N GLY B 8 -12.47 30.17 -22.09
CA GLY B 8 -13.11 30.74 -20.94
C GLY B 8 -12.19 31.12 -19.79
N GLY B 9 -10.94 30.68 -19.82
CA GLY B 9 -10.04 30.97 -18.72
C GLY B 9 -9.59 32.43 -18.71
N GLY B 10 -9.38 32.95 -17.50
CA GLY B 10 -8.96 34.33 -17.35
C GLY B 10 -8.78 34.77 -15.91
N LEU B 11 -9.03 36.05 -15.65
CA LEU B 11 -8.85 36.65 -14.33
C LEU B 11 -10.22 36.90 -13.69
N VAL B 12 -10.37 36.45 -12.44
CA VAL B 12 -11.60 36.63 -11.69
C VAL B 12 -11.23 36.96 -10.24
N GLN B 13 -11.99 37.86 -9.63
CA GLN B 13 -11.76 38.21 -8.23
C GLN B 13 -12.35 37.13 -7.32
N PRO B 14 -11.86 37.05 -6.07
CA PRO B 14 -12.41 36.06 -5.13
C PRO B 14 -13.91 36.23 -4.96
N GLY B 15 -14.63 35.12 -4.99
CA GLY B 15 -16.07 35.11 -4.91
C GLY B 15 -16.78 35.22 -6.24
N GLY B 16 -16.08 35.57 -7.31
CA GLY B 16 -16.68 35.68 -8.61
C GLY B 16 -16.95 34.32 -9.23
N SER B 17 -17.41 34.36 -10.49
CA SER B 17 -17.76 33.16 -11.23
C SER B 17 -17.23 33.25 -12.65
N LEU B 18 -16.99 32.07 -13.24
CA LEU B 18 -16.52 31.96 -14.61
C LEU B 18 -16.90 30.60 -15.15
N ARG B 19 -17.20 30.54 -16.44
CA ARG B 19 -17.65 29.31 -17.09
C ARG B 19 -16.66 28.93 -18.17
N LEU B 20 -16.07 27.75 -18.06
CA LEU B 20 -15.15 27.23 -19.07
C LEU B 20 -15.92 26.46 -20.12
N SER B 21 -15.35 26.42 -21.33
CA SER B 21 -15.91 25.67 -22.43
C SER B 21 -14.85 24.76 -23.02
N CYS B 22 -15.27 23.60 -23.51
CA CYS B 22 -14.37 22.63 -24.12
C CYS B 22 -15.06 22.09 -25.38
N ALA B 23 -14.67 22.61 -26.53
CA ALA B 23 -15.21 22.13 -27.80
C ALA B 23 -14.47 20.88 -28.24
N ALA B 24 -15.22 19.81 -28.49
CA ALA B 24 -14.66 18.51 -28.80
C ALA B 24 -14.91 18.16 -30.26
N SER B 25 -13.94 17.47 -30.86
CA SER B 25 -14.07 16.91 -32.20
C SER B 25 -13.40 15.55 -32.21
N GLY B 26 -14.04 14.57 -32.83
CA GLY B 26 -13.58 13.21 -32.84
C GLY B 26 -14.43 12.23 -32.06
N PHE B 27 -15.45 12.69 -31.36
CA PHE B 27 -16.37 11.83 -30.63
C PHE B 27 -17.58 12.67 -30.24
N THR B 28 -18.60 11.99 -29.75
CA THR B 28 -19.84 12.66 -29.34
C THR B 28 -19.80 12.90 -27.84
N VAL B 29 -19.91 14.18 -27.45
CA VAL B 29 -19.84 14.54 -26.03
C VAL B 29 -20.98 13.91 -25.25
N SER B 30 -22.12 13.70 -25.90
CA SER B 30 -23.31 13.18 -25.23
C SER B 30 -23.29 11.66 -25.10
N SER B 31 -22.20 11.01 -25.50
CA SER B 31 -22.09 9.57 -25.43
C SER B 31 -20.91 9.09 -24.58
N ASN B 32 -20.03 9.98 -24.15
CA ASN B 32 -18.83 9.60 -23.44
C ASN B 32 -18.84 10.14 -22.02
N TYR B 33 -17.98 9.55 -21.19
CA TYR B 33 -17.67 10.12 -19.89
C TYR B 33 -16.68 11.26 -20.10
N MET B 34 -16.97 12.42 -19.51
CA MET B 34 -16.11 13.58 -19.62
C MET B 34 -15.69 14.02 -18.22
N SER B 35 -14.46 14.50 -18.12
CA SER B 35 -13.92 14.94 -16.83
C SER B 35 -13.09 16.20 -17.00
N TRP B 36 -13.11 17.02 -15.97
CA TRP B 36 -12.20 18.15 -15.83
C TRP B 36 -11.15 17.80 -14.79
N VAL B 37 -9.89 18.16 -15.06
CA VAL B 37 -8.78 17.97 -14.13
C VAL B 37 -7.92 19.22 -14.18
N ARG B 38 -7.62 19.78 -13.01
CA ARG B 38 -6.90 21.05 -12.89
C ARG B 38 -5.52 20.84 -12.30
N GLN B 39 -4.60 21.76 -12.61
CA GLN B 39 -3.23 21.71 -12.11
C GLN B 39 -2.83 23.10 -11.65
N ALA B 40 -2.71 23.28 -10.33
CA ALA B 40 -2.21 24.54 -9.80
C ALA B 40 -0.77 24.75 -10.25
N PRO B 41 -0.32 26.00 -10.34
CA PRO B 41 1.05 26.26 -10.83
C PRO B 41 2.10 25.56 -9.98
N GLY B 42 2.84 24.66 -10.61
CA GLY B 42 3.94 23.96 -9.97
C GLY B 42 3.56 22.71 -9.21
N LYS B 43 2.27 22.44 -9.02
CA LYS B 43 1.80 21.29 -8.26
C LYS B 43 1.26 20.21 -9.19
N GLY B 44 0.75 19.15 -8.60
CA GLY B 44 0.31 18.00 -9.36
C GLY B 44 -1.10 18.15 -9.92
N LEU B 45 -1.58 17.07 -10.53
CA LEU B 45 -2.92 17.05 -11.10
C LEU B 45 -3.95 16.77 -10.02
N GLU B 46 -5.14 17.35 -10.20
CA GLU B 46 -6.26 17.16 -9.28
C GLU B 46 -7.55 17.05 -10.07
N TRP B 47 -8.21 15.91 -9.98
CA TRP B 47 -9.51 15.73 -10.61
C TRP B 47 -10.55 16.59 -9.89
N VAL B 48 -11.37 17.31 -10.66
CA VAL B 48 -12.38 18.20 -10.11
C VAL B 48 -13.79 17.65 -10.33
N SER B 49 -14.14 17.25 -11.55
CA SER B 49 -15.46 16.69 -11.76
C SER B 49 -15.50 15.79 -12.99
N VAL B 50 -16.55 14.97 -13.05
CA VAL B 50 -16.79 14.02 -14.14
C VAL B 50 -18.29 13.96 -14.42
N ILE B 51 -18.65 13.77 -15.68
CA ILE B 51 -20.04 13.55 -16.09
C ILE B 51 -20.11 12.23 -16.85
N TYR B 52 -21.09 11.41 -16.51
CA TYR B 52 -21.27 10.13 -17.16
C TYR B 52 -22.01 10.30 -18.49
N SER B 53 -22.08 9.21 -19.25
CA SER B 53 -22.86 9.24 -20.48
C SER B 53 -24.35 9.36 -20.18
N GLY B 54 -24.83 8.65 -19.16
CA GLY B 54 -26.22 8.74 -18.77
C GLY B 54 -26.62 10.10 -18.22
N GLY B 55 -25.65 10.88 -17.71
CA GLY B 55 -25.89 12.23 -17.27
C GLY B 55 -25.52 12.49 -15.82
N SER B 56 -25.35 11.45 -15.00
CA SER B 56 -25.04 11.65 -13.60
C SER B 56 -23.66 12.29 -13.44
N THR B 57 -23.58 13.24 -12.50
CA THR B 57 -22.37 14.05 -12.32
C THR B 57 -21.77 13.78 -10.95
N PHE B 58 -20.45 13.93 -10.87
CA PHE B 58 -19.71 13.74 -9.62
C PHE B 58 -18.62 14.80 -9.52
N TYR B 59 -18.29 15.17 -8.29
CA TYR B 59 -17.36 16.27 -8.03
C TYR B 59 -16.39 15.88 -6.94
N ALA B 60 -15.22 16.51 -6.97
CA ALA B 60 -14.29 16.40 -5.86
C ALA B 60 -14.83 17.17 -4.65
N ASP B 61 -14.41 16.76 -3.46
CA ASP B 61 -14.88 17.40 -2.24
C ASP B 61 -14.47 18.86 -2.16
N SER B 62 -13.40 19.25 -2.84
CA SER B 62 -12.93 20.63 -2.81
C SER B 62 -13.79 21.58 -3.63
N VAL B 63 -14.64 21.06 -4.52
CA VAL B 63 -15.36 21.91 -5.47
C VAL B 63 -16.86 21.62 -5.45
N LYS B 64 -17.31 20.81 -4.51
CA LYS B 64 -18.73 20.49 -4.44
C LYS B 64 -19.53 21.69 -3.93
N GLY B 65 -20.73 21.87 -4.49
CA GLY B 65 -21.57 23.01 -4.18
C GLY B 65 -21.20 24.29 -4.92
N ARG B 66 -19.97 24.39 -5.43
CA ARG B 66 -19.50 25.59 -6.12
C ARG B 66 -19.35 25.40 -7.62
N PHE B 67 -18.91 24.23 -8.06
CA PHE B 67 -18.71 23.95 -9.48
C PHE B 67 -19.85 23.09 -10.01
N THR B 68 -20.12 23.21 -11.30
CA THR B 68 -21.17 22.45 -11.95
C THR B 68 -20.72 22.09 -13.36
N ILE B 69 -20.77 20.80 -13.68
CA ILE B 69 -20.37 20.30 -15.00
C ILE B 69 -21.62 20.13 -15.85
N SER B 70 -21.49 20.44 -17.14
CA SER B 70 -22.61 20.49 -18.07
C SER B 70 -22.10 20.10 -19.46
N ARG B 71 -23.03 20.00 -20.40
CA ARG B 71 -22.65 19.74 -21.79
C ARG B 71 -23.81 20.08 -22.71
N ASP B 72 -23.47 20.37 -23.96
CA ASP B 72 -24.43 20.72 -24.99
C ASP B 72 -24.29 19.75 -26.16
N ASN B 73 -25.39 19.06 -26.47
CA ASN B 73 -25.37 18.05 -27.53
C ASN B 73 -25.19 18.68 -28.91
N SER B 74 -25.89 19.78 -29.17
CA SER B 74 -25.95 20.31 -30.53
C SER B 74 -24.62 20.92 -30.99
N MET B 75 -23.87 21.53 -30.07
CA MET B 75 -22.56 22.07 -30.42
C MET B 75 -21.41 21.22 -29.89
N ASN B 76 -21.70 20.07 -29.30
CA ASN B 76 -20.68 19.08 -28.92
C ASN B 76 -19.62 19.70 -28.00
N THR B 77 -20.09 20.25 -26.87
CA THR B 77 -19.24 21.05 -26.00
C THR B 77 -19.55 20.75 -24.53
N LEU B 78 -18.49 20.61 -23.75
CA LEU B 78 -18.57 20.42 -22.31
C LEU B 78 -18.33 21.74 -21.59
N PHE B 79 -18.97 21.90 -20.43
CA PHE B 79 -18.90 23.14 -19.67
C PHE B 79 -18.57 22.86 -18.21
N LEU B 80 -17.95 23.84 -17.57
CA LEU B 80 -17.71 23.83 -16.13
C LEU B 80 -18.05 25.20 -15.58
N GLN B 81 -19.15 25.29 -14.84
CA GLN B 81 -19.61 26.55 -14.25
C GLN B 81 -19.03 26.66 -12.85
N MET B 82 -18.03 27.53 -12.69
CA MET B 82 -17.36 27.71 -11.42
C MET B 82 -17.93 28.94 -10.71
N ASN B 83 -18.38 28.74 -9.47
CA ASN B 83 -18.92 29.81 -8.64
C ASN B 83 -18.15 29.85 -7.33
N SER B 84 -18.25 31.00 -6.66
CA SER B 84 -17.63 31.24 -5.35
C SER B 84 -16.13 30.91 -5.39
N LEU B 85 -15.49 31.29 -6.50
CA LEU B 85 -14.10 30.91 -6.73
C LEU B 85 -13.17 31.51 -5.68
N ARG B 86 -12.13 30.75 -5.35
CA ARG B 86 -11.16 31.10 -4.32
C ARG B 86 -9.77 31.17 -4.93
N ALA B 87 -8.81 31.62 -4.11
CA ALA B 87 -7.43 31.71 -4.57
C ALA B 87 -6.86 30.32 -4.86
N GLU B 88 -7.27 29.32 -4.08
CA GLU B 88 -6.78 27.96 -4.30
C GLU B 88 -7.29 27.36 -5.60
N ASP B 89 -8.37 27.91 -6.16
CA ASP B 89 -8.87 27.44 -7.45
C ASP B 89 -7.97 27.83 -8.61
N THR B 90 -6.98 28.69 -8.39
CA THR B 90 -6.05 29.08 -9.44
C THR B 90 -5.31 27.85 -9.96
N ALA B 91 -5.53 27.52 -11.22
CA ALA B 91 -4.97 26.32 -11.81
C ALA B 91 -5.19 26.35 -13.31
N VAL B 92 -4.47 25.47 -14.02
CA VAL B 92 -4.72 25.20 -15.43
C VAL B 92 -5.74 24.07 -15.50
N TYR B 93 -6.83 24.30 -16.21
CA TYR B 93 -7.96 23.37 -16.24
C TYR B 93 -7.99 22.63 -17.57
N TYR B 94 -8.00 21.30 -17.50
CA TYR B 94 -8.05 20.43 -18.67
C TYR B 94 -9.41 19.75 -18.74
N CYS B 95 -9.91 19.59 -19.96
CA CYS B 95 -11.03 18.71 -20.25
C CYS B 95 -10.50 17.45 -20.93
N ALA B 96 -11.04 16.30 -20.53
CA ALA B 96 -10.53 15.03 -21.04
C ALA B 96 -11.67 14.05 -21.26
N ARG B 97 -11.46 13.16 -22.23
CA ARG B 97 -12.41 12.10 -22.54
C ARG B 97 -12.10 10.89 -21.67
N VAL B 98 -13.11 10.39 -20.97
CA VAL B 98 -12.95 9.27 -20.05
C VAL B 98 -13.42 8.00 -20.75
N LEU B 99 -12.61 6.95 -20.67
CA LEU B 99 -13.08 5.63 -21.06
C LEU B 99 -13.35 4.82 -19.82
N PRO B 100 -14.55 4.24 -19.68
CA PRO B 100 -14.95 3.59 -18.42
C PRO B 100 -14.56 2.12 -18.28
N MET B 101 -13.75 1.57 -19.19
CA MET B 101 -13.24 0.22 -19.00
C MET B 101 -12.10 0.22 -18.00
N TYR B 102 -11.98 -0.88 -17.25
CA TYR B 102 -10.92 -1.07 -16.27
C TYR B 102 -10.84 0.13 -15.33
N GLY B 103 -11.96 0.38 -14.65
CA GLY B 103 -12.08 1.65 -13.94
C GLY B 103 -12.24 2.77 -14.93
N ASP B 104 -11.59 3.89 -14.67
CA ASP B 104 -11.63 5.03 -15.58
C ASP B 104 -10.22 5.46 -15.95
N TYR B 105 -10.05 5.87 -17.20
CA TYR B 105 -8.77 6.42 -17.64
C TYR B 105 -9.04 7.43 -18.74
N LEU B 106 -8.20 8.46 -18.77
CA LEU B 106 -8.39 9.60 -19.66
C LEU B 106 -7.41 9.48 -20.82
N ASP B 107 -7.92 9.14 -22.00
CA ASP B 107 -7.08 8.85 -23.15
C ASP B 107 -6.85 10.05 -24.06
N TYR B 108 -7.63 11.12 -23.91
CA TYR B 108 -7.44 12.32 -24.71
C TYR B 108 -7.71 13.55 -23.86
N TRP B 109 -6.78 14.50 -23.89
CA TRP B 109 -6.86 15.71 -23.10
C TRP B 109 -6.86 16.92 -24.02
N GLY B 110 -7.52 17.99 -23.58
CA GLY B 110 -7.34 19.28 -24.21
C GLY B 110 -6.04 19.92 -23.78
N GLN B 111 -5.66 21.00 -24.49
CA GLN B 111 -4.40 21.66 -24.18
C GLN B 111 -4.49 22.54 -22.94
N GLY B 112 -5.67 23.07 -22.63
CA GLY B 112 -5.84 23.68 -21.32
C GLY B 112 -5.95 25.19 -21.39
N THR B 113 -6.64 25.75 -20.41
CA THR B 113 -6.76 27.20 -20.24
C THR B 113 -6.45 27.57 -18.79
N LEU B 114 -5.89 28.77 -18.61
CA LEU B 114 -5.47 29.25 -17.30
C LEU B 114 -6.58 30.05 -16.65
N VAL B 115 -6.85 29.77 -15.38
CA VAL B 115 -7.81 30.52 -14.58
C VAL B 115 -7.05 31.10 -13.39
N THR B 116 -7.08 32.42 -13.26
CA THR B 116 -6.39 33.14 -12.19
C THR B 116 -7.41 33.83 -11.32
N VAL B 117 -7.41 33.53 -10.02
CA VAL B 117 -8.33 34.11 -9.07
C VAL B 117 -7.52 34.99 -8.13
N SER B 118 -7.53 36.29 -8.38
CA SER B 118 -6.74 37.24 -7.60
C SER B 118 -7.50 38.55 -7.47
N SER B 119 -7.12 39.33 -6.45
CA SER B 119 -7.65 40.68 -6.32
C SER B 119 -6.90 41.68 -7.20
N ALA B 120 -5.67 41.37 -7.58
CA ALA B 120 -4.90 42.25 -8.44
C ALA B 120 -5.58 42.40 -9.79
N SER B 121 -5.22 43.48 -10.48
CA SER B 121 -5.83 43.82 -11.76
C SER B 121 -4.83 43.68 -12.90
N THR B 122 -5.38 43.57 -14.11
CA THR B 122 -4.59 43.37 -15.32
C THR B 122 -3.57 44.50 -15.50
N LYS B 123 -2.52 44.20 -16.25
CA LYS B 123 -1.55 45.21 -16.67
C LYS B 123 -0.74 44.67 -17.83
N GLY B 124 -0.61 45.48 -18.89
CA GLY B 124 0.19 45.13 -20.03
C GLY B 124 1.67 45.25 -19.74
N PRO B 125 2.48 44.43 -20.41
CA PRO B 125 3.93 44.44 -20.14
C PRO B 125 4.63 45.60 -20.81
N SER B 126 5.81 45.91 -20.28
CA SER B 126 6.77 46.78 -20.93
C SER B 126 7.83 45.91 -21.59
N VAL B 127 8.15 46.22 -22.84
CA VAL B 127 9.06 45.40 -23.64
C VAL B 127 10.31 46.21 -23.91
N PHE B 128 11.45 45.75 -23.38
CA PHE B 128 12.73 46.40 -23.55
C PHE B 128 13.70 45.49 -24.29
N PRO B 129 14.49 46.03 -25.20
CA PRO B 129 15.41 45.19 -25.98
C PRO B 129 16.66 44.83 -25.17
N LEU B 130 17.14 43.60 -25.42
CA LEU B 130 18.42 43.14 -24.89
C LEU B 130 19.40 43.22 -26.05
N ALA B 131 20.06 44.37 -26.18
CA ALA B 131 20.82 44.66 -27.37
C ALA B 131 22.10 43.83 -27.43
N PRO B 132 22.52 43.44 -28.64
CA PRO B 132 23.86 42.89 -28.81
C PRO B 132 24.93 43.89 -28.43
N SER B 133 25.86 43.40 -27.63
CA SER B 133 26.87 44.10 -26.87
C SER B 133 28.12 43.24 -26.98
N SER B 134 28.85 43.07 -25.89
CA SER B 134 30.26 43.35 -25.68
C SER B 134 31.13 43.53 -26.92
N LYS B 135 31.38 42.45 -27.66
CA LYS B 135 32.26 42.52 -28.81
C LYS B 135 31.91 41.36 -29.73
N SER B 136 32.77 41.07 -30.70
CA SER B 136 32.71 39.74 -31.31
C SER B 136 33.24 38.79 -30.26
N THR B 137 32.35 38.06 -29.59
CA THR B 137 32.77 37.33 -28.39
C THR B 137 33.66 36.16 -28.76
N SER B 138 34.87 36.49 -29.24
CA SER B 138 35.97 35.56 -29.49
C SER B 138 35.47 34.24 -30.07
N GLY B 139 34.71 34.36 -31.14
CA GLY B 139 34.07 33.23 -31.78
C GLY B 139 33.21 33.72 -32.91
N GLY B 140 31.97 33.26 -32.97
CA GLY B 140 31.07 33.77 -33.98
C GLY B 140 29.66 34.02 -33.51
N THR B 141 29.39 33.81 -32.22
CA THR B 141 28.03 33.84 -31.70
C THR B 141 27.80 35.10 -30.86
N ALA B 142 26.64 35.73 -31.08
CA ALA B 142 26.21 36.89 -30.32
C ALA B 142 24.79 36.67 -29.83
N ALA B 143 24.48 37.22 -28.66
CA ALA B 143 23.19 37.03 -28.00
C ALA B 143 22.40 38.33 -27.99
N LEU B 144 21.09 38.21 -28.25
CA LEU B 144 20.17 39.34 -28.18
C LEU B 144 18.80 38.83 -27.75
N GLY B 145 18.01 39.72 -27.17
CA GLY B 145 16.74 39.25 -26.66
C GLY B 145 15.77 40.38 -26.33
N CYS B 146 14.70 39.98 -25.62
CA CYS B 146 13.62 40.86 -25.21
C CYS B 146 13.38 40.72 -23.70
N LEU B 147 13.27 41.85 -23.03
CA LEU B 147 12.84 41.89 -21.63
C LEU B 147 11.37 42.28 -21.59
N VAL B 148 10.52 41.33 -21.17
CA VAL B 148 9.09 41.54 -21.06
C VAL B 148 8.77 41.65 -19.58
N LYS B 149 8.57 42.87 -19.11
CA LYS B 149 8.55 43.16 -17.68
C LYS B 149 7.19 43.73 -17.24
N ASP B 150 6.84 43.43 -15.99
CA ASP B 150 5.73 44.09 -15.28
C ASP B 150 4.40 43.90 -15.99
N TYR B 151 3.97 42.64 -16.09
CA TYR B 151 2.65 42.33 -16.61
C TYR B 151 1.92 41.41 -15.64
N PHE B 152 0.60 41.35 -15.82
CA PHE B 152 -0.29 40.51 -15.01
C PHE B 152 -1.64 40.42 -15.70
N PRO B 153 -2.27 39.23 -15.73
CA PRO B 153 -1.70 37.98 -15.24
C PRO B 153 -0.96 37.22 -16.33
N GLU B 154 -0.71 35.94 -16.09
CA GLU B 154 -0.14 35.07 -17.10
C GLU B 154 -1.21 34.66 -18.10
N PRO B 155 -0.81 34.24 -19.31
CA PRO B 155 0.55 34.18 -19.86
C PRO B 155 0.81 35.23 -20.92
N VAL B 156 2.05 35.27 -21.43
CA VAL B 156 2.39 36.05 -22.62
C VAL B 156 3.11 35.15 -23.60
N THR B 157 2.94 35.45 -24.88
CA THR B 157 3.59 34.71 -25.95
C THR B 157 4.57 35.63 -26.67
N VAL B 158 5.77 35.12 -26.94
CA VAL B 158 6.78 35.88 -27.67
C VAL B 158 7.36 35.00 -28.76
N SER B 159 7.27 35.46 -30.01
CA SER B 159 7.93 34.84 -31.14
C SER B 159 8.93 35.83 -31.72
N TRP B 160 9.81 35.34 -32.59
CA TRP B 160 10.86 36.15 -33.16
C TRP B 160 10.71 36.19 -34.68
N ASN B 161 10.72 37.41 -35.23
CA ASN B 161 10.49 37.65 -36.66
C ASN B 161 9.17 37.02 -37.11
N SER B 162 8.13 37.17 -36.28
CA SER B 162 6.79 36.64 -36.55
C SER B 162 6.81 35.13 -36.76
N GLY B 163 7.73 34.43 -36.10
CA GLY B 163 7.82 32.99 -36.16
C GLY B 163 8.91 32.46 -37.08
N ALA B 164 9.42 33.28 -37.99
CA ALA B 164 10.47 32.84 -38.91
C ALA B 164 11.80 32.58 -38.21
N LEU B 165 11.88 32.79 -36.90
CA LEU B 165 13.10 32.60 -36.12
C LEU B 165 12.80 31.71 -34.93
N THR B 166 13.30 30.47 -34.95
CA THR B 166 13.07 29.54 -33.85
C THR B 166 14.31 28.77 -33.39
N SER B 167 15.36 28.63 -34.20
CA SER B 167 16.49 27.82 -33.80
C SER B 167 17.42 28.65 -32.92
N GLY B 168 17.55 28.26 -31.66
CA GLY B 168 18.35 28.97 -30.69
C GLY B 168 17.59 29.89 -29.77
N VAL B 169 16.27 29.99 -29.90
CA VAL B 169 15.49 30.88 -29.05
C VAL B 169 15.26 30.22 -27.70
N HIS B 170 15.45 30.98 -26.62
CA HIS B 170 15.16 30.54 -25.26
C HIS B 170 14.22 31.56 -24.65
N THR B 171 12.98 31.15 -24.36
CA THR B 171 11.99 31.99 -23.68
C THR B 171 11.78 31.40 -22.30
N PHE B 172 12.25 32.10 -21.28
CA PHE B 172 12.26 31.61 -19.91
C PHE B 172 10.87 31.72 -19.27
N PRO B 173 10.55 30.85 -18.32
CA PRO B 173 9.29 31.00 -17.58
C PRO B 173 9.28 32.31 -16.82
N ALA B 174 8.07 32.87 -16.66
CA ALA B 174 7.92 34.11 -15.93
C ALA B 174 8.10 33.88 -14.43
N VAL B 175 8.78 34.81 -13.78
CA VAL B 175 8.91 34.83 -12.32
C VAL B 175 8.15 36.03 -11.79
N LEU B 176 7.47 35.85 -10.66
CA LEU B 176 6.65 36.90 -10.08
C LEU B 176 7.49 37.71 -9.10
N GLN B 177 7.55 39.02 -9.31
CA GLN B 177 8.41 39.90 -8.54
C GLN B 177 7.77 40.24 -7.20
N SER B 178 8.44 41.12 -6.45
CA SER B 178 7.90 41.61 -5.19
C SER B 178 6.68 42.48 -5.38
N SER B 179 6.49 43.03 -6.58
CA SER B 179 5.43 44.01 -6.81
C SER B 179 4.07 43.38 -7.07
N GLY B 180 4.02 42.11 -7.45
CA GLY B 180 2.77 41.45 -7.77
C GLY B 180 2.53 41.24 -9.25
N LEU B 181 3.49 41.58 -10.10
CA LEU B 181 3.39 41.38 -11.54
C LEU B 181 4.42 40.35 -11.99
N TYR B 182 4.47 40.10 -13.29
CA TYR B 182 5.38 39.12 -13.87
C TYR B 182 6.41 39.79 -14.75
N SER B 183 7.58 39.17 -14.87
CA SER B 183 8.61 39.61 -15.79
C SER B 183 9.21 38.39 -16.47
N LEU B 184 9.46 38.52 -17.78
CA LEU B 184 9.91 37.41 -18.60
C LEU B 184 10.99 37.89 -19.55
N SER B 185 11.90 37.01 -19.91
CA SER B 185 12.93 37.31 -20.90
C SER B 185 12.99 36.21 -21.96
N SER B 186 13.26 36.61 -23.19
CA SER B 186 13.44 35.70 -24.31
C SER B 186 14.65 36.16 -25.11
N VAL B 187 15.62 35.26 -25.26
CA VAL B 187 16.89 35.56 -25.91
C VAL B 187 17.10 34.55 -27.03
N VAL B 188 17.97 34.89 -27.98
CA VAL B 188 18.28 34.02 -29.11
C VAL B 188 19.75 34.19 -29.46
N THR B 189 20.42 33.08 -29.73
CA THR B 189 21.84 33.10 -30.11
C THR B 189 21.96 33.14 -31.63
N VAL B 190 22.87 33.99 -32.11
CA VAL B 190 22.93 34.37 -33.52
C VAL B 190 24.37 34.62 -33.92
N PRO B 191 24.77 34.31 -35.16
CA PRO B 191 26.16 34.59 -35.59
C PRO B 191 26.50 36.07 -35.52
N SER B 192 27.77 36.36 -35.22
CA SER B 192 28.23 37.73 -35.03
C SER B 192 28.71 38.38 -36.33
N SER B 193 27.94 38.18 -37.40
CA SER B 193 28.10 38.99 -38.61
C SER B 193 26.74 39.30 -39.21
N SER B 194 25.70 38.60 -38.73
CA SER B 194 24.34 38.84 -39.18
C SER B 194 23.71 40.05 -38.52
N LEU B 195 24.45 40.75 -37.65
CA LEU B 195 23.87 41.83 -36.86
C LEU B 195 23.51 43.03 -37.73
N GLY B 196 24.28 43.28 -38.79
CA GLY B 196 23.94 44.32 -39.73
C GLY B 196 23.27 43.78 -40.98
N THR B 197 23.61 42.54 -41.34
CA THR B 197 23.07 41.92 -42.53
C THR B 197 21.67 41.36 -42.32
N GLN B 198 21.20 41.26 -41.08
CA GLN B 198 19.86 40.80 -40.76
C GLN B 198 19.25 41.72 -39.72
N THR B 199 17.95 41.51 -39.45
CA THR B 199 17.23 42.27 -38.44
C THR B 199 16.33 41.33 -37.65
N TYR B 200 16.31 41.50 -36.33
CA TYR B 200 15.60 40.62 -35.43
C TYR B 200 14.50 41.40 -34.72
N ILE B 201 13.28 40.88 -34.78
CA ILE B 201 12.13 41.51 -34.14
C ILE B 201 11.47 40.50 -33.23
N CYS B 202 11.06 40.96 -32.06
CA CYS B 202 10.41 40.16 -31.03
C CYS B 202 8.93 40.53 -30.97
N ASN B 203 8.08 39.51 -30.83
CA ASN B 203 6.63 39.62 -31.01
C ASN B 203 5.95 39.20 -29.73
N VAL B 204 5.69 40.16 -28.84
CA VAL B 204 5.09 39.90 -27.54
C VAL B 204 3.58 40.09 -27.65
N ASN B 205 2.82 39.14 -27.12
CA ASN B 205 1.36 39.22 -27.08
C ASN B 205 0.89 38.86 -25.67
N HIS B 206 0.14 39.77 -25.06
CA HIS B 206 -0.49 39.59 -23.75
C HIS B 206 -1.99 39.88 -23.91
N LYS B 207 -2.74 38.86 -24.32
CA LYS B 207 -4.16 39.05 -24.58
C LYS B 207 -5.06 39.25 -23.36
N PRO B 208 -4.68 38.89 -22.13
CA PRO B 208 -5.48 39.36 -20.99
C PRO B 208 -5.66 40.87 -20.96
N SER B 209 -4.70 41.61 -21.51
CA SER B 209 -4.78 43.07 -21.61
C SER B 209 -4.85 43.54 -23.07
N ASN B 210 -4.97 42.61 -24.02
CA ASN B 210 -5.04 42.95 -25.45
C ASN B 210 -3.80 43.74 -25.88
N THR B 211 -2.63 43.36 -25.36
CA THR B 211 -1.40 44.08 -25.64
C THR B 211 -0.58 43.31 -26.68
N LYS B 212 -0.30 43.97 -27.80
CA LYS B 212 0.50 43.42 -28.89
C LYS B 212 1.56 44.44 -29.23
N VAL B 213 2.84 44.05 -29.17
CA VAL B 213 3.94 44.97 -29.42
C VAL B 213 5.07 44.22 -30.09
N ASP B 214 5.60 44.79 -31.17
CA ASP B 214 6.78 44.28 -31.86
C ASP B 214 7.93 45.24 -31.60
N LYS B 215 9.03 44.71 -31.07
CA LYS B 215 10.19 45.53 -30.70
C LYS B 215 11.43 44.99 -31.41
N ARG B 216 12.05 45.82 -32.23
CA ARG B 216 13.30 45.48 -32.89
C ARG B 216 14.46 45.68 -31.94
N VAL B 217 15.50 44.84 -32.08
CA VAL B 217 16.66 44.85 -31.21
C VAL B 217 17.87 45.25 -32.03
N GLU B 218 18.57 46.29 -31.60
CA GLU B 218 19.74 46.83 -32.30
C GLU B 218 19.45 47.10 -33.77
N ASP C 1 -10.65 7.47 2.93
CA ASP C 1 -10.17 7.90 1.62
C ASP C 1 -9.04 7.00 1.12
N ILE C 2 -8.34 7.45 0.08
CA ILE C 2 -7.24 6.72 -0.53
C ILE C 2 -6.16 7.73 -0.92
N VAL C 3 -4.90 7.40 -0.62
CA VAL C 3 -3.77 8.25 -0.91
C VAL C 3 -2.77 7.48 -1.77
N MET C 4 -2.37 8.08 -2.89
CA MET C 4 -1.38 7.48 -3.79
C MET C 4 -0.05 8.20 -3.60
N THR C 5 0.98 7.45 -3.20
CA THR C 5 2.31 8.00 -2.97
C THR C 5 3.28 7.48 -4.01
N GLN C 6 4.01 8.39 -4.64
CA GLN C 6 4.99 8.06 -5.67
C GLN C 6 6.41 8.13 -5.10
N SER C 7 7.31 7.35 -5.71
CA SER C 7 8.70 7.30 -5.30
C SER C 7 9.57 6.87 -6.48
N PRO C 8 10.68 7.59 -6.76
CA PRO C 8 11.05 8.85 -6.11
C PRO C 8 10.21 10.00 -6.64
N SER C 9 10.41 11.21 -6.13
CA SER C 9 9.73 12.37 -6.69
C SER C 9 10.57 13.06 -7.77
N SER C 10 11.88 13.05 -7.62
CA SER C 10 12.80 13.58 -8.62
C SER C 10 13.84 12.52 -8.96
N LEU C 11 14.20 12.46 -10.24
CA LEU C 11 15.00 11.35 -10.75
C LEU C 11 15.73 11.80 -12.01
N SER C 12 17.00 11.42 -12.12
CA SER C 12 17.83 11.75 -13.27
C SER C 12 18.49 10.48 -13.80
N ALA C 13 18.56 10.38 -15.12
CA ALA C 13 19.14 9.22 -15.76
C ALA C 13 19.63 9.59 -17.15
N SER C 14 20.67 8.90 -17.61
CA SER C 14 21.29 9.19 -18.88
C SER C 14 20.59 8.45 -20.01
N VAL C 15 20.81 8.94 -21.24
CA VAL C 15 20.21 8.32 -22.42
C VAL C 15 20.70 6.87 -22.54
N GLY C 16 19.76 5.95 -22.66
CA GLY C 16 20.05 4.54 -22.72
C GLY C 16 19.83 3.80 -21.42
N ASP C 17 19.74 4.52 -20.29
CA ASP C 17 19.51 3.89 -19.01
C ASP C 17 18.10 3.32 -18.92
N ARG C 18 17.94 2.38 -18.00
CA ARG C 18 16.62 1.89 -17.63
C ARG C 18 16.08 2.75 -16.50
N VAL C 19 14.79 3.07 -16.57
CA VAL C 19 14.14 3.97 -15.63
C VAL C 19 13.00 3.24 -14.94
N THR C 20 12.82 3.50 -13.65
CA THR C 20 11.81 2.81 -12.86
C THR C 20 11.19 3.78 -11.86
N ILE C 21 9.88 3.93 -11.94
CA ILE C 21 9.11 4.78 -11.03
C ILE C 21 8.12 3.92 -10.28
N THR C 22 7.95 4.19 -8.98
CA THR C 22 7.14 3.38 -8.11
C THR C 22 5.93 4.15 -7.60
N CYS C 23 4.78 3.49 -7.57
CA CYS C 23 3.55 4.01 -7.02
C CYS C 23 3.07 3.10 -5.90
N ARG C 24 2.49 3.68 -4.85
CA ARG C 24 1.90 2.85 -3.80
C ARG C 24 0.60 3.47 -3.33
N ALA C 25 -0.38 2.60 -3.10
CA ALA C 25 -1.70 2.99 -2.64
C ALA C 25 -1.87 2.64 -1.16
N SER C 26 -2.65 3.46 -0.46
CA SER C 26 -2.91 3.20 0.95
C SER C 26 -3.82 2.00 1.15
N GLN C 27 -4.65 1.67 0.17
CA GLN C 27 -5.44 0.45 0.16
C GLN C 27 -5.17 -0.31 -1.13
N SER C 28 -5.54 -1.59 -1.16
CA SER C 28 -5.38 -2.39 -2.35
C SER C 28 -6.39 -1.96 -3.41
N ILE C 29 -5.88 -1.70 -4.62
CA ILE C 29 -6.64 -1.09 -5.72
C ILE C 29 -6.59 -1.96 -6.98
N SER C 30 -6.86 -3.26 -6.82
CA SER C 30 -6.14 -4.37 -7.44
C SER C 30 -5.38 -4.07 -8.72
N ARG C 31 -6.05 -3.63 -9.78
CA ARG C 31 -5.30 -3.24 -10.97
C ARG C 31 -5.91 -2.01 -11.63
N TYR C 32 -6.64 -1.20 -10.87
CA TYR C 32 -7.29 0.00 -11.39
C TYR C 32 -6.36 1.20 -11.27
N LEU C 33 -5.24 1.12 -11.98
CA LEU C 33 -4.21 2.15 -11.93
C LEU C 33 -3.79 2.52 -13.34
N ASN C 34 -3.61 3.82 -13.57
CA ASN C 34 -3.15 4.34 -14.85
C ASN C 34 -1.90 5.19 -14.63
N TRP C 35 -1.15 5.38 -15.71
CA TRP C 35 0.03 6.23 -15.71
C TRP C 35 -0.13 7.30 -16.77
N TYR C 36 0.27 8.52 -16.45
CA TYR C 36 0.22 9.65 -17.37
C TYR C 36 1.59 10.29 -17.47
N GLN C 37 1.90 10.81 -18.65
CA GLN C 37 3.13 11.54 -18.90
C GLN C 37 2.78 12.96 -19.28
N GLN C 38 3.30 13.92 -18.53
CA GLN C 38 3.01 15.34 -18.76
C GLN C 38 4.33 16.08 -18.92
N LYS C 39 4.60 16.52 -20.15
CA LYS C 39 5.77 17.33 -20.45
C LYS C 39 5.48 18.79 -20.14
N PRO C 40 6.53 19.59 -19.92
CA PRO C 40 6.33 20.97 -19.45
C PRO C 40 5.44 21.78 -20.40
N GLY C 41 4.48 22.48 -19.81
CA GLY C 41 3.60 23.34 -20.58
C GLY C 41 2.75 22.64 -21.62
N LYS C 42 2.43 21.36 -21.40
CA LYS C 42 1.61 20.60 -22.33
C LYS C 42 0.60 19.78 -21.54
N ALA C 43 -0.33 19.18 -22.28
CA ALA C 43 -1.36 18.36 -21.66
C ALA C 43 -0.80 16.98 -21.30
N PRO C 44 -1.32 16.35 -20.25
CA PRO C 44 -0.88 14.99 -19.93
C PRO C 44 -1.32 14.00 -21.00
N LYS C 45 -0.41 13.10 -21.37
CA LYS C 45 -0.69 12.02 -22.31
C LYS C 45 -0.69 10.70 -21.55
N LEU C 46 -1.76 9.93 -21.73
CA LEU C 46 -1.89 8.64 -21.08
C LEU C 46 -0.83 7.67 -21.61
N LEU C 47 -0.25 6.89 -20.70
CA LEU C 47 0.76 5.90 -21.04
C LEU C 47 0.26 4.48 -20.83
N ILE C 48 -0.17 4.15 -19.61
CA ILE C 48 -0.59 2.81 -19.23
C ILE C 48 -1.94 2.91 -18.55
N TYR C 49 -2.80 1.91 -18.78
CA TYR C 49 -4.05 1.77 -18.07
C TYR C 49 -4.20 0.32 -17.63
N ALA C 50 -5.04 0.12 -16.61
CA ALA C 50 -5.24 -1.20 -16.00
C ALA C 50 -3.94 -1.79 -15.48
N ALA C 51 -2.98 -0.91 -15.15
CA ALA C 51 -1.75 -1.21 -14.44
C ALA C 51 -0.74 -1.99 -15.28
N SER C 52 -1.15 -2.49 -16.44
CA SER C 52 -0.25 -3.25 -17.30
C SER C 52 -0.41 -2.97 -18.79
N SER C 53 -1.49 -2.34 -19.23
CA SER C 53 -1.86 -2.33 -20.64
C SER C 53 -1.42 -1.02 -21.27
N LEU C 54 -0.61 -1.13 -22.33
CA LEU C 54 -0.04 0.05 -22.98
C LEU C 54 -1.09 0.72 -23.86
N GLN C 55 -1.21 2.03 -23.74
CA GLN C 55 -2.14 2.77 -24.58
C GLN C 55 -1.70 2.74 -26.03
N SER C 56 -2.66 2.74 -26.94
CA SER C 56 -2.34 2.71 -28.37
C SER C 56 -1.59 3.97 -28.77
N GLY C 57 -0.48 3.78 -29.49
CA GLY C 57 0.33 4.89 -29.93
C GLY C 57 1.44 5.30 -28.99
N VAL C 58 1.77 4.46 -28.02
CA VAL C 58 2.85 4.74 -27.06
C VAL C 58 3.99 3.77 -27.33
N PRO C 59 5.25 4.21 -27.24
CA PRO C 59 6.38 3.31 -27.52
C PRO C 59 6.39 2.08 -26.63
N SER C 60 7.00 1.02 -27.14
CA SER C 60 7.05 -0.25 -26.43
C SER C 60 8.01 -0.24 -25.25
N ARG C 61 8.85 0.78 -25.13
CA ARG C 61 9.78 0.85 -24.01
C ARG C 61 9.08 1.21 -22.71
N PHE C 62 7.90 1.81 -22.77
CA PHE C 62 7.09 2.07 -21.59
C PHE C 62 6.39 0.78 -21.18
N SER C 63 6.59 0.35 -19.94
CA SER C 63 6.00 -0.88 -19.44
C SER C 63 5.30 -0.63 -18.10
N GLY C 64 4.24 -1.37 -17.86
CA GLY C 64 3.48 -1.26 -16.61
C GLY C 64 3.46 -2.58 -15.88
N SER C 65 3.55 -2.51 -14.55
CA SER C 65 3.59 -3.73 -13.75
C SER C 65 3.16 -3.40 -12.33
N GLY C 66 2.74 -4.43 -11.62
CA GLY C 66 2.29 -4.31 -10.24
C GLY C 66 0.79 -4.51 -10.11
N SER C 67 0.36 -4.82 -8.89
CA SER C 67 -1.05 -4.92 -8.58
C SER C 67 -1.20 -5.04 -7.07
N GLY C 68 -2.34 -4.58 -6.57
CA GLY C 68 -2.58 -4.53 -5.14
C GLY C 68 -2.33 -3.16 -4.56
N THR C 69 -1.19 -2.98 -3.90
CA THR C 69 -0.80 -1.69 -3.36
C THR C 69 0.45 -1.11 -4.00
N ASP C 70 1.24 -1.90 -4.71
CA ASP C 70 2.51 -1.44 -5.27
C ASP C 70 2.53 -1.68 -6.77
N PHE C 71 2.82 -0.62 -7.52
CA PHE C 71 2.87 -0.66 -8.97
C PHE C 71 4.17 0.00 -9.44
N THR C 72 4.53 -0.26 -10.69
CA THR C 72 5.82 0.20 -11.20
C THR C 72 5.71 0.60 -12.66
N LEU C 73 6.23 1.79 -12.98
CA LEU C 73 6.37 2.27 -14.34
C LEU C 73 7.82 2.14 -14.77
N THR C 74 8.06 1.58 -15.95
CA THR C 74 9.42 1.28 -16.41
C THR C 74 9.63 1.77 -17.83
N ILE C 75 10.80 2.35 -18.07
CA ILE C 75 11.25 2.76 -19.40
C ILE C 75 12.48 1.93 -19.72
N SER C 76 12.39 1.08 -20.75
CA SER C 76 13.45 0.12 -21.02
C SER C 76 14.78 0.81 -21.28
N SER C 77 14.80 1.76 -22.21
CA SER C 77 16.01 2.54 -22.50
C SER C 77 15.59 3.98 -22.74
N LEU C 78 16.01 4.88 -21.84
CA LEU C 78 15.56 6.26 -21.85
C LEU C 78 15.93 6.95 -23.15
N GLN C 79 14.99 7.76 -23.67
CA GLN C 79 15.12 8.55 -24.89
C GLN C 79 15.20 10.04 -24.53
N PRO C 80 15.94 10.84 -25.32
CA PRO C 80 16.05 12.28 -25.01
C PRO C 80 14.71 12.99 -24.83
N GLU C 81 13.65 12.48 -25.45
CA GLU C 81 12.33 13.10 -25.40
C GLU C 81 11.55 12.73 -24.15
N ASP C 82 12.05 11.85 -23.30
CA ASP C 82 11.24 11.26 -22.24
C ASP C 82 11.35 11.99 -20.91
N PHE C 83 11.99 13.16 -20.87
CA PHE C 83 11.98 13.96 -19.65
C PHE C 83 10.60 14.57 -19.47
N ALA C 84 9.95 14.24 -18.35
CA ALA C 84 8.59 14.71 -18.08
C ALA C 84 8.30 14.43 -16.61
N THR C 85 7.07 14.72 -16.20
CA THR C 85 6.59 14.44 -14.85
C THR C 85 5.50 13.38 -14.96
N TYR C 86 5.78 12.19 -14.44
CA TYR C 86 4.90 11.05 -14.57
C TYR C 86 4.03 10.91 -13.33
N TYR C 87 2.73 10.67 -13.55
CA TYR C 87 1.75 10.55 -12.48
C TYR C 87 1.06 9.20 -12.57
N CYS C 88 0.82 8.57 -11.42
CA CYS C 88 -0.05 7.39 -11.35
C CYS C 88 -1.40 7.82 -10.78
N GLN C 89 -2.46 7.24 -11.32
CA GLN C 89 -3.82 7.60 -10.95
C GLN C 89 -4.61 6.35 -10.60
N GLN C 90 -5.43 6.46 -9.56
CA GLN C 90 -6.27 5.36 -9.09
C GLN C 90 -7.68 5.52 -9.61
N SER C 91 -8.27 4.42 -10.06
CA SER C 91 -9.64 4.38 -10.56
C SER C 91 -10.39 3.20 -9.95
N TYR C 92 -10.25 3.04 -8.64
CA TYR C 92 -10.77 1.89 -7.91
C TYR C 92 -11.97 2.23 -7.03
N SER C 93 -12.19 3.51 -6.72
CA SER C 93 -13.17 3.91 -5.72
C SER C 93 -14.56 4.07 -6.32
N THR C 94 -15.56 3.79 -5.50
CA THR C 94 -16.96 4.01 -5.84
C THR C 94 -17.65 4.65 -4.64
N PRO C 95 -18.09 5.92 -4.73
CA PRO C 95 -18.03 6.85 -5.86
C PRO C 95 -16.61 7.29 -6.22
N PRO C 96 -16.42 7.89 -7.39
CA PRO C 96 -15.06 8.19 -7.86
C PRO C 96 -14.28 9.10 -6.92
N GLU C 97 -12.97 8.91 -6.91
CA GLU C 97 -12.05 9.77 -6.18
C GLU C 97 -10.97 10.29 -7.11
N TYR C 98 -10.58 9.46 -8.09
CA TYR C 98 -9.58 9.82 -9.11
C TYR C 98 -8.29 10.33 -8.46
N THR C 99 -7.83 9.60 -7.45
CA THR C 99 -6.64 10.05 -6.73
C THR C 99 -5.41 9.95 -7.60
N PHE C 100 -4.60 11.00 -7.59
CA PHE C 100 -3.34 11.06 -8.31
C PHE C 100 -2.18 10.91 -7.34
N GLY C 101 -0.98 10.76 -7.91
CA GLY C 101 0.24 10.89 -7.14
C GLY C 101 0.76 12.31 -7.19
N GLN C 102 1.82 12.55 -6.40
CA GLN C 102 2.45 13.86 -6.42
C GLN C 102 3.28 14.08 -7.68
N GLY C 103 3.61 13.02 -8.40
CA GLY C 103 4.38 13.11 -9.63
C GLY C 103 5.85 12.81 -9.40
N THR C 104 6.48 12.27 -10.43
CA THR C 104 7.93 12.02 -10.43
C THR C 104 8.55 12.80 -11.58
N LYS C 105 9.29 13.85 -11.23
CA LYS C 105 10.01 14.63 -12.23
C LYS C 105 11.22 13.84 -12.72
N LEU C 106 11.28 13.58 -14.02
CA LEU C 106 12.36 12.82 -14.62
C LEU C 106 13.16 13.74 -15.54
N GLU C 107 14.44 13.91 -15.24
CA GLU C 107 15.35 14.70 -16.05
C GLU C 107 16.31 13.77 -16.78
N ILE C 108 16.81 14.23 -17.93
CA ILE C 108 17.81 13.49 -18.68
C ILE C 108 19.19 13.92 -18.24
N LYS C 109 20.04 12.95 -17.90
CA LYS C 109 21.38 13.22 -17.41
C LYS C 109 22.38 13.09 -18.55
N ARG C 110 23.39 13.95 -18.56
CA ARG C 110 24.38 13.96 -19.61
C ARG C 110 25.73 14.39 -19.03
N THR C 111 26.73 14.49 -19.90
CA THR C 111 28.03 14.99 -19.49
C THR C 111 27.92 16.46 -19.11
N VAL C 112 28.67 16.87 -18.08
CA VAL C 112 28.60 18.24 -17.63
C VAL C 112 29.09 19.18 -18.72
N ALA C 113 28.40 20.31 -18.87
CA ALA C 113 28.73 21.30 -19.89
C ALA C 113 28.77 22.67 -19.25
N ALA C 114 29.89 23.36 -19.42
CA ALA C 114 30.02 24.70 -18.86
C ALA C 114 29.13 25.68 -19.61
N PRO C 115 28.57 26.68 -18.94
CA PRO C 115 27.67 27.62 -19.60
C PRO C 115 28.40 28.78 -20.25
N SER C 116 27.93 29.17 -21.44
CA SER C 116 28.30 30.44 -22.01
C SER C 116 27.56 31.55 -21.26
N VAL C 117 28.28 32.60 -20.88
CA VAL C 117 27.73 33.68 -20.07
C VAL C 117 27.78 34.97 -20.85
N PHE C 118 26.67 35.71 -20.83
CA PHE C 118 26.59 37.04 -21.42
C PHE C 118 25.98 37.99 -20.40
N ILE C 119 26.21 39.28 -20.61
CA ILE C 119 25.65 40.32 -19.76
C ILE C 119 25.06 41.41 -20.66
N PHE C 120 23.89 41.91 -20.27
CA PHE C 120 23.19 42.93 -21.06
C PHE C 120 22.95 44.16 -20.20
N PRO C 121 23.57 45.29 -20.51
CA PRO C 121 23.25 46.53 -19.81
C PRO C 121 21.83 46.96 -20.11
N PRO C 122 21.26 47.85 -19.29
CA PRO C 122 19.87 48.28 -19.56
C PRO C 122 19.76 49.03 -20.87
N SER C 123 18.57 48.95 -21.47
CA SER C 123 18.28 49.72 -22.67
C SER C 123 18.08 51.18 -22.30
N ASP C 124 18.60 52.08 -23.15
CA ASP C 124 18.42 53.50 -22.89
C ASP C 124 16.94 53.90 -22.96
N GLU C 125 16.12 53.10 -23.63
CA GLU C 125 14.69 53.35 -23.62
C GLU C 125 14.08 53.02 -22.25
N GLN C 126 14.61 51.99 -21.59
CA GLN C 126 14.15 51.68 -20.24
C GLN C 126 14.71 52.68 -19.23
N LEU C 127 15.90 53.23 -19.48
CA LEU C 127 16.45 54.25 -18.59
C LEU C 127 15.61 55.51 -18.64
N LYS C 128 14.91 55.73 -19.76
CA LYS C 128 13.89 56.77 -19.83
C LYS C 128 12.81 56.59 -18.78
N SER C 129 12.53 55.36 -18.36
CA SER C 129 11.48 55.07 -17.37
C SER C 129 11.91 55.34 -15.94
N GLY C 130 13.18 55.63 -15.69
CA GLY C 130 13.66 55.74 -14.32
C GLY C 130 13.99 54.41 -13.67
N THR C 131 14.17 53.36 -14.46
CA THR C 131 14.49 52.04 -13.95
C THR C 131 15.57 51.41 -14.81
N ALA C 132 16.50 50.71 -14.18
CA ALA C 132 17.59 50.04 -14.87
C ALA C 132 17.61 48.57 -14.46
N SER C 133 17.42 47.68 -15.44
CA SER C 133 17.46 46.25 -15.23
C SER C 133 18.61 45.66 -16.04
N VAL C 134 19.56 45.03 -15.35
CA VAL C 134 20.69 44.35 -15.98
C VAL C 134 20.39 42.86 -16.02
N VAL C 135 20.77 42.21 -17.11
CA VAL C 135 20.45 40.81 -17.34
C VAL C 135 21.75 40.02 -17.51
N CYS C 136 21.82 38.86 -16.84
CA CYS C 136 22.92 37.92 -16.99
C CYS C 136 22.35 36.62 -17.54
N LEU C 137 22.96 36.13 -18.62
CA LEU C 137 22.45 34.98 -19.36
C LEU C 137 23.44 33.83 -19.28
N LEU C 138 22.95 32.64 -18.91
CA LEU C 138 23.73 31.42 -18.86
C LEU C 138 23.13 30.45 -19.85
N ASN C 139 23.89 30.08 -20.88
CA ASN C 139 23.35 29.39 -22.05
C ASN C 139 23.89 27.97 -22.15
N ASN C 140 22.96 27.01 -22.25
CA ASN C 140 23.24 25.64 -22.66
C ASN C 140 24.29 24.97 -21.76
N PHE C 141 23.89 24.78 -20.50
CA PHE C 141 24.75 24.15 -19.52
C PHE C 141 24.06 22.93 -18.91
N TYR C 142 24.87 22.12 -18.23
CA TYR C 142 24.44 20.98 -17.43
C TYR C 142 25.52 20.71 -16.40
N PRO C 143 25.17 20.40 -15.13
CA PRO C 143 23.81 20.22 -14.62
C PRO C 143 23.05 21.52 -14.35
N ARG C 144 21.82 21.36 -13.84
CA ARG C 144 20.94 22.50 -13.63
C ARG C 144 21.44 23.42 -12.53
N GLU C 145 22.12 22.88 -11.52
CA GLU C 145 22.54 23.69 -10.38
C GLU C 145 23.67 24.64 -10.78
N ALA C 146 23.39 25.94 -10.70
CA ALA C 146 24.38 26.97 -10.94
C ALA C 146 24.17 28.08 -9.92
N LYS C 147 25.10 29.03 -9.88
CA LYS C 147 25.01 30.15 -8.96
C LYS C 147 25.37 31.44 -9.69
N VAL C 148 24.49 32.43 -9.60
CA VAL C 148 24.71 33.75 -10.18
C VAL C 148 24.87 34.74 -9.04
N GLN C 149 26.00 35.43 -9.01
CA GLN C 149 26.30 36.40 -7.95
C GLN C 149 26.46 37.78 -8.59
N TRP C 150 25.49 38.65 -8.34
CA TRP C 150 25.57 40.01 -8.85
C TRP C 150 26.50 40.85 -7.99
N LYS C 151 27.33 41.66 -8.64
CA LYS C 151 28.27 42.54 -7.96
C LYS C 151 28.20 43.92 -8.59
N VAL C 152 27.99 44.94 -7.76
CA VAL C 152 27.97 46.33 -8.18
C VAL C 152 29.09 47.05 -7.44
N ASP C 153 30.17 47.37 -8.15
CA ASP C 153 31.39 47.89 -7.54
C ASP C 153 31.92 46.94 -6.47
N ASN C 154 31.93 45.64 -6.80
CA ASN C 154 32.37 44.57 -5.91
C ASN C 154 31.54 44.51 -4.62
N ALA C 155 30.32 45.05 -4.64
CA ALA C 155 29.40 44.96 -3.51
C ALA C 155 28.36 43.90 -3.84
N LEU C 156 28.43 42.76 -3.16
CA LEU C 156 27.56 41.63 -3.45
C LEU C 156 26.09 42.01 -3.27
N GLN C 157 25.33 41.91 -4.35
CA GLN C 157 23.92 42.29 -4.35
C GLN C 157 23.04 41.12 -3.94
N SER C 158 22.02 41.41 -3.15
CA SER C 158 21.05 40.41 -2.74
C SER C 158 19.73 41.11 -2.42
N GLY C 159 18.62 40.48 -2.82
CA GLY C 159 17.30 41.03 -2.58
C GLY C 159 16.73 41.87 -3.70
N ASN C 160 17.52 42.18 -4.73
CA ASN C 160 17.07 42.98 -5.85
C ASN C 160 17.23 42.26 -7.18
N SER C 161 17.27 40.93 -7.17
CA SER C 161 17.43 40.15 -8.38
C SER C 161 16.59 38.88 -8.31
N GLN C 162 16.12 38.44 -9.48
CA GLN C 162 15.43 37.17 -9.63
C GLN C 162 16.02 36.44 -10.83
N GLU C 163 15.64 35.17 -10.98
CA GLU C 163 16.17 34.36 -12.06
C GLU C 163 15.16 33.28 -12.43
N SER C 164 15.20 32.87 -13.70
CA SER C 164 14.35 31.81 -14.21
C SER C 164 15.19 30.83 -15.02
N VAL C 165 14.76 29.57 -15.04
CA VAL C 165 15.47 28.51 -15.72
C VAL C 165 14.55 27.89 -16.77
N THR C 166 15.10 27.63 -17.95
CA THR C 166 14.35 26.90 -18.95
C THR C 166 14.29 25.42 -18.58
N GLU C 167 13.31 24.73 -19.16
CA GLU C 167 13.29 23.28 -19.06
C GLU C 167 14.38 22.70 -19.96
N GLN C 168 14.62 21.40 -19.80
CA GLN C 168 15.68 20.75 -20.56
C GLN C 168 15.41 20.84 -22.06
N ASP C 169 16.45 21.19 -22.82
CA ASP C 169 16.34 21.18 -24.27
C ASP C 169 16.06 19.77 -24.74
N SER C 170 15.23 19.64 -25.78
CA SER C 170 14.76 18.33 -26.18
C SER C 170 15.84 17.50 -26.88
N LYS C 171 16.83 18.15 -27.50
CA LYS C 171 17.86 17.40 -28.21
C LYS C 171 19.20 17.35 -27.47
N ASP C 172 19.75 18.49 -27.04
CA ASP C 172 21.03 18.45 -26.35
C ASP C 172 20.90 18.39 -24.83
N SER C 173 19.68 18.47 -24.31
CA SER C 173 19.40 18.19 -22.89
C SER C 173 20.15 19.14 -21.96
N THR C 174 20.25 20.40 -22.34
CA THR C 174 20.90 21.42 -21.53
C THR C 174 19.86 22.40 -20.98
N TYR C 175 20.30 23.21 -20.01
CA TYR C 175 19.48 24.24 -19.40
C TYR C 175 19.98 25.62 -19.80
N SER C 176 19.12 26.61 -19.61
CA SER C 176 19.49 28.01 -19.73
C SER C 176 18.87 28.78 -18.57
N LEU C 177 19.60 29.77 -18.07
CA LEU C 177 19.17 30.58 -16.94
C LEU C 177 19.34 32.05 -17.27
N SER C 178 18.34 32.84 -16.87
CA SER C 178 18.36 34.29 -17.08
C SER C 178 18.05 34.97 -15.75
N SER C 179 19.03 35.70 -15.22
CA SER C 179 18.88 36.43 -13.97
C SER C 179 18.84 37.92 -14.26
N THR C 180 17.88 38.62 -13.66
CA THR C 180 17.69 40.04 -13.88
C THR C 180 17.99 40.81 -12.60
N LEU C 181 18.89 41.79 -12.70
CA LEU C 181 19.19 42.71 -11.60
C LEU C 181 18.47 44.03 -11.88
N THR C 182 17.60 44.44 -10.97
CA THR C 182 16.74 45.61 -11.17
C THR C 182 17.15 46.72 -10.20
N LEU C 183 17.39 47.91 -10.75
CA LEU C 183 17.77 49.07 -9.97
C LEU C 183 16.98 50.28 -10.44
N SER C 184 16.92 51.29 -9.57
CA SER C 184 16.43 52.59 -10.01
C SER C 184 17.48 53.26 -10.88
N LYS C 185 17.02 54.17 -11.74
CA LYS C 185 17.96 54.94 -12.56
C LYS C 185 18.97 55.66 -11.69
N ALA C 186 18.49 56.33 -10.64
CA ALA C 186 19.38 57.09 -9.75
C ALA C 186 20.43 56.17 -9.12
N ASP C 187 19.99 55.02 -8.59
CA ASP C 187 20.94 54.08 -7.99
C ASP C 187 21.88 53.48 -9.03
N TYR C 188 21.40 53.32 -10.26
CA TYR C 188 22.23 52.71 -11.30
C TYR C 188 23.40 53.61 -11.68
N GLU C 189 23.16 54.91 -11.82
CA GLU C 189 24.21 55.83 -12.24
C GLU C 189 25.19 56.16 -11.12
N LYS C 190 24.92 55.73 -9.89
CA LYS C 190 25.85 56.01 -8.80
C LYS C 190 27.13 55.20 -8.92
N HIS C 191 27.07 54.01 -9.52
CA HIS C 191 28.19 53.08 -9.60
C HIS C 191 28.71 53.00 -11.03
N LYS C 192 29.75 52.19 -11.22
CA LYS C 192 30.34 52.06 -12.55
C LYS C 192 30.48 50.63 -13.03
N VAL C 193 30.85 49.69 -12.17
CA VAL C 193 31.20 48.34 -12.59
C VAL C 193 30.06 47.40 -12.20
N TYR C 194 29.45 46.78 -13.20
CA TYR C 194 28.36 45.84 -13.00
C TYR C 194 28.77 44.48 -13.53
N ALA C 195 28.77 43.47 -12.66
CA ALA C 195 29.26 42.15 -13.02
C ALA C 195 28.36 41.08 -12.41
N CYS C 196 28.22 39.96 -13.12
CA CYS C 196 27.58 38.77 -12.60
C CYS C 196 28.60 37.64 -12.56
N GLU C 197 28.75 37.03 -11.40
CA GLU C 197 29.72 35.96 -11.18
C GLU C 197 29.02 34.62 -11.23
N VAL C 198 29.52 33.71 -12.07
CA VAL C 198 28.86 32.44 -12.35
C VAL C 198 29.74 31.32 -11.79
N THR C 199 29.15 30.51 -10.90
CA THR C 199 29.80 29.32 -10.37
C THR C 199 29.04 28.10 -10.87
N HIS C 200 29.75 27.21 -11.56
CA HIS C 200 29.11 26.04 -12.16
C HIS C 200 30.08 24.87 -12.15
N GLN C 201 29.53 23.66 -12.15
CA GLN C 201 30.34 22.45 -12.13
C GLN C 201 31.27 22.38 -13.33
N GLY C 202 30.85 22.92 -14.46
CA GLY C 202 31.64 22.87 -15.68
C GLY C 202 32.78 23.84 -15.79
N LEU C 203 33.01 24.69 -14.79
CA LEU C 203 34.05 25.71 -14.86
C LEU C 203 35.06 25.53 -13.74
N SER C 204 36.34 25.63 -14.09
CA SER C 204 37.41 25.41 -13.12
C SER C 204 37.39 26.44 -12.00
N SER C 205 36.79 27.61 -12.24
CA SER C 205 36.75 28.70 -11.27
C SER C 205 35.71 29.71 -11.77
N PRO C 206 35.10 30.50 -10.88
CA PRO C 206 33.94 31.31 -11.29
C PRO C 206 34.26 32.26 -12.43
N VAL C 207 33.40 32.25 -13.45
CA VAL C 207 33.46 33.20 -14.55
C VAL C 207 32.75 34.47 -14.13
N THR C 208 33.30 35.62 -14.56
CA THR C 208 32.72 36.92 -14.25
C THR C 208 32.68 37.75 -15.52
N LYS C 209 31.47 38.08 -15.97
CA LYS C 209 31.27 38.97 -17.10
C LYS C 209 30.89 40.36 -16.57
N SER C 210 31.52 41.39 -17.12
CA SER C 210 31.42 42.72 -16.54
C SER C 210 31.31 43.77 -17.65
N PHE C 211 30.69 44.90 -17.30
CA PHE C 211 30.72 46.10 -18.11
C PHE C 211 30.82 47.30 -17.19
N ASN C 212 31.15 48.44 -17.77
CA ASN C 212 31.28 49.70 -17.05
C ASN C 212 30.24 50.68 -17.58
N ARG C 213 29.43 51.24 -16.69
CA ARG C 213 28.35 52.12 -17.09
C ARG C 213 28.90 53.36 -17.77
N GLY C 214 28.39 53.64 -18.96
CA GLY C 214 29.00 54.60 -19.86
C GLY C 214 29.97 53.98 -20.84
N GLU C 215 30.06 52.65 -20.88
CA GLU C 215 31.00 51.89 -21.71
C GLU C 215 32.36 52.55 -21.82
N THR D 15 50.40 -9.00 -29.09
CA THR D 15 49.96 -9.03 -27.70
C THR D 15 48.61 -8.31 -27.50
N ASN D 16 47.54 -8.98 -27.95
CA ASN D 16 46.17 -8.59 -27.61
C ASN D 16 45.98 -8.72 -26.10
N LEU D 17 45.58 -7.64 -25.43
CA LEU D 17 45.26 -7.74 -24.01
C LEU D 17 43.75 -7.80 -23.82
N CYS D 18 43.32 -8.65 -22.89
CA CYS D 18 41.91 -8.98 -22.77
C CYS D 18 41.10 -7.76 -22.35
N PRO D 19 39.90 -7.60 -22.88
CA PRO D 19 39.09 -6.38 -22.64
C PRO D 19 38.39 -6.40 -21.28
N PHE D 20 39.19 -6.33 -20.21
CA PHE D 20 38.63 -6.31 -18.87
C PHE D 20 38.01 -4.96 -18.52
N GLY D 21 38.47 -3.88 -19.16
CA GLY D 21 37.83 -2.59 -18.97
C GLY D 21 36.39 -2.57 -19.45
N GLU D 22 36.04 -3.44 -20.38
CA GLU D 22 34.67 -3.46 -20.88
C GLU D 22 33.70 -3.98 -19.83
N VAL D 23 34.14 -4.91 -18.98
CA VAL D 23 33.24 -5.52 -18.00
C VAL D 23 33.31 -4.79 -16.65
N PHE D 24 34.52 -4.54 -16.15
CA PHE D 24 34.66 -3.88 -14.86
C PHE D 24 34.20 -2.43 -14.94
N ASN D 25 34.60 -1.72 -15.98
CA ASN D 25 34.26 -0.30 -16.14
C ASN D 25 33.05 -0.08 -17.03
N ALA D 26 32.17 -1.06 -17.13
CA ALA D 26 30.95 -0.91 -17.94
C ALA D 26 30.07 0.19 -17.36
N THR D 27 29.52 1.02 -18.24
CA THR D 27 28.65 2.12 -17.80
C THR D 27 27.45 1.59 -17.03
N ARG D 28 26.81 0.54 -17.56
CA ARG D 28 25.65 -0.06 -16.93
C ARG D 28 25.93 -1.52 -16.61
N PHE D 29 25.31 -1.99 -15.54
CA PHE D 29 25.42 -3.38 -15.11
C PHE D 29 24.04 -4.02 -15.14
N ALA D 30 24.02 -5.36 -15.15
CA ALA D 30 22.79 -6.10 -15.30
C ALA D 30 22.24 -6.52 -13.94
N SER D 31 20.93 -6.78 -13.90
CA SER D 31 20.31 -7.33 -12.71
C SER D 31 20.73 -8.78 -12.53
N VAL D 32 20.78 -9.23 -11.27
CA VAL D 32 21.37 -10.52 -10.96
C VAL D 32 20.57 -11.66 -11.58
N TYR D 33 19.25 -11.50 -11.70
CA TYR D 33 18.45 -12.56 -12.32
C TYR D 33 18.76 -12.69 -13.81
N ALA D 34 19.18 -11.62 -14.44
CA ALA D 34 19.58 -11.61 -15.85
C ALA D 34 21.06 -11.29 -15.99
N TRP D 35 21.88 -11.94 -15.17
CA TRP D 35 23.30 -11.62 -15.11
C TRP D 35 23.95 -11.73 -16.50
N ASN D 36 24.91 -10.85 -16.75
CA ASN D 36 25.56 -10.79 -18.05
C ASN D 36 26.80 -11.69 -18.06
N ARG D 37 27.01 -12.36 -19.19
CA ARG D 37 28.20 -13.19 -19.39
C ARG D 37 29.00 -12.61 -20.55
N LYS D 38 30.31 -12.44 -20.32
CA LYS D 38 31.24 -12.01 -21.34
C LYS D 38 32.39 -12.98 -21.32
N ARG D 39 32.60 -13.70 -22.41
CA ARG D 39 33.69 -14.67 -22.38
C ARG D 39 34.88 -14.12 -23.14
N ILE D 40 36.05 -14.57 -22.72
CA ILE D 40 37.30 -13.91 -23.01
C ILE D 40 38.17 -14.86 -23.79
N SER D 41 38.67 -14.41 -24.94
CA SER D 41 39.29 -15.29 -25.90
C SER D 41 40.50 -14.61 -26.51
N ASN D 42 41.49 -15.43 -26.88
CA ASN D 42 42.60 -15.05 -27.74
C ASN D 42 43.16 -13.68 -27.36
N CYS D 43 43.65 -13.65 -26.13
CA CYS D 43 44.13 -12.41 -25.54
C CYS D 43 45.10 -12.78 -24.41
N VAL D 44 45.62 -11.76 -23.74
CA VAL D 44 46.69 -11.87 -22.76
C VAL D 44 46.28 -11.03 -21.57
N ALA D 45 45.78 -11.68 -20.52
CA ALA D 45 45.23 -10.99 -19.36
C ALA D 45 46.26 -10.92 -18.25
N ASP D 46 46.39 -9.75 -17.64
CA ASP D 46 47.31 -9.57 -16.51
C ASP D 46 46.48 -9.37 -15.25
N TYR D 47 46.29 -10.46 -14.51
CA TYR D 47 45.58 -10.40 -13.24
C TYR D 47 46.44 -9.81 -12.13
N SER D 48 47.74 -9.65 -12.37
CA SER D 48 48.57 -8.91 -11.43
C SER D 48 48.04 -7.50 -11.25
N VAL D 49 47.76 -6.80 -12.36
CA VAL D 49 47.26 -5.43 -12.29
C VAL D 49 45.86 -5.37 -11.68
N LEU D 50 45.09 -6.46 -11.79
CA LEU D 50 43.70 -6.44 -11.33
C LEU D 50 43.64 -6.38 -9.81
N TYR D 51 44.23 -7.38 -9.14
CA TYR D 51 44.18 -7.47 -7.68
C TYR D 51 44.68 -6.18 -7.04
N ASN D 52 45.92 -5.80 -7.31
CA ASN D 52 46.58 -4.72 -6.57
C ASN D 52 45.99 -3.38 -7.00
N SER D 53 44.78 -3.11 -6.52
CA SER D 53 44.09 -1.90 -6.95
C SER D 53 43.54 -1.13 -5.75
N ALA D 54 43.28 -1.82 -4.64
CA ALA D 54 42.57 -1.30 -3.49
C ALA D 54 41.17 -0.83 -3.84
N SER D 55 40.70 -1.10 -5.07
CA SER D 55 39.37 -0.70 -5.48
C SER D 55 38.30 -1.69 -5.02
N PHE D 56 38.68 -2.94 -4.77
CA PHE D 56 37.74 -4.03 -4.59
C PHE D 56 37.60 -4.37 -3.12
N SER D 57 36.36 -4.33 -2.60
CA SER D 57 36.12 -4.76 -1.23
C SER D 57 36.22 -6.28 -1.10
N THR D 58 35.98 -7.00 -2.19
CA THR D 58 36.05 -8.46 -2.19
C THR D 58 36.88 -8.93 -3.37
N PHE D 59 37.90 -9.75 -3.09
CA PHE D 59 38.69 -10.41 -4.12
C PHE D 59 39.13 -11.75 -3.54
N LYS D 60 38.32 -12.79 -3.80
CA LYS D 60 38.61 -14.13 -3.30
C LYS D 60 38.57 -15.13 -4.46
N CYS D 61 39.64 -15.92 -4.56
CA CYS D 61 39.84 -16.88 -5.64
C CYS D 61 39.79 -18.31 -5.11
N TYR D 62 39.19 -19.21 -5.89
CA TYR D 62 39.00 -20.61 -5.51
C TYR D 62 39.74 -21.49 -6.50
N GLY D 63 40.37 -22.53 -5.98
CA GLY D 63 41.15 -23.44 -6.81
C GLY D 63 42.52 -22.95 -7.20
N VAL D 64 42.63 -21.73 -7.71
CA VAL D 64 43.91 -21.15 -8.07
C VAL D 64 44.22 -19.98 -7.16
N SER D 65 45.38 -19.35 -7.39
CA SER D 65 45.91 -18.40 -6.43
C SER D 65 45.80 -16.98 -6.94
N PRO D 66 45.55 -16.02 -6.05
CA PRO D 66 45.87 -14.63 -6.36
C PRO D 66 47.36 -14.32 -6.21
N THR D 67 48.13 -15.20 -5.57
CA THR D 67 49.56 -14.97 -5.34
C THR D 67 50.27 -15.13 -6.67
N LYS D 68 50.08 -14.10 -7.48
CA LYS D 68 50.62 -13.81 -8.80
C LYS D 68 50.19 -14.78 -9.90
N LEU D 69 50.30 -16.10 -9.67
CA LEU D 69 49.66 -17.19 -10.42
C LEU D 69 48.83 -16.76 -11.64
N ASN D 70 49.30 -15.77 -12.39
CA ASN D 70 48.76 -15.42 -13.69
C ASN D 70 49.65 -15.97 -14.78
N ASP D 71 50.41 -17.01 -14.40
CA ASP D 71 51.36 -17.71 -15.24
C ASP D 71 50.76 -19.01 -15.75
N LEU D 72 49.43 -19.08 -15.85
CA LEU D 72 48.73 -20.25 -16.32
C LEU D 72 48.05 -19.96 -17.65
N CYS D 73 47.66 -21.04 -18.33
CA CYS D 73 47.04 -20.97 -19.65
C CYS D 73 45.68 -21.67 -19.62
N PHE D 74 44.62 -20.91 -19.91
CA PHE D 74 43.26 -21.44 -19.91
C PHE D 74 42.68 -21.36 -21.31
N THR D 75 41.69 -22.22 -21.55
CA THR D 75 41.06 -22.26 -22.86
C THR D 75 40.16 -21.04 -23.05
N ASN D 76 39.27 -20.78 -22.09
CA ASN D 76 38.38 -19.63 -22.15
C ASN D 76 38.11 -19.16 -20.73
N VAL D 77 37.92 -17.85 -20.58
CA VAL D 77 37.61 -17.23 -19.30
C VAL D 77 36.29 -16.50 -19.43
N TYR D 78 35.35 -16.80 -18.54
CA TYR D 78 34.04 -16.17 -18.54
C TYR D 78 33.99 -15.09 -17.47
N ALA D 79 33.46 -13.92 -17.84
CA ALA D 79 33.32 -12.79 -16.93
C ALA D 79 31.84 -12.52 -16.73
N ASP D 80 31.32 -12.91 -15.57
CA ASP D 80 29.93 -12.69 -15.23
C ASP D 80 29.81 -11.45 -14.35
N SER D 81 28.91 -10.55 -14.71
CA SER D 81 28.77 -9.26 -14.04
C SER D 81 27.31 -8.99 -13.71
N PHE D 82 27.06 -8.52 -12.50
CA PHE D 82 25.71 -8.20 -12.04
C PHE D 82 25.82 -7.27 -10.84
N VAL D 83 24.67 -6.96 -10.24
CA VAL D 83 24.60 -6.05 -9.10
C VAL D 83 23.71 -6.68 -8.02
N ILE D 84 24.24 -6.77 -6.80
CA ILE D 84 23.49 -7.22 -5.64
C ILE D 84 23.82 -6.29 -4.48
N ARG D 85 23.07 -6.44 -3.38
CA ARG D 85 23.35 -5.65 -2.21
C ARG D 85 24.57 -6.21 -1.47
N GLY D 86 25.04 -5.46 -0.47
CA GLY D 86 26.27 -5.83 0.20
C GLY D 86 26.17 -7.13 0.98
N ASP D 87 25.07 -7.33 1.71
CA ASP D 87 24.93 -8.51 2.54
C ASP D 87 24.81 -9.80 1.72
N GLU D 88 24.52 -9.69 0.42
CA GLU D 88 24.36 -10.86 -0.42
C GLU D 88 25.62 -11.24 -1.17
N VAL D 89 26.69 -10.45 -1.06
CA VAL D 89 27.96 -10.84 -1.65
C VAL D 89 28.49 -12.11 -0.99
N ARG D 90 28.05 -12.41 0.24
CA ARG D 90 28.33 -13.70 0.85
C ARG D 90 28.00 -14.84 -0.10
N GLN D 91 26.85 -14.76 -0.75
CA GLN D 91 26.27 -15.89 -1.47
C GLN D 91 26.96 -16.18 -2.79
N ILE D 92 27.82 -15.29 -3.28
CA ILE D 92 28.58 -15.55 -4.51
C ILE D 92 29.84 -16.28 -4.07
N ALA D 93 29.70 -17.59 -3.87
CA ALA D 93 30.75 -18.47 -3.36
C ALA D 93 30.26 -19.91 -3.43
N PRO D 94 31.15 -20.90 -3.53
CA PRO D 94 30.71 -22.30 -3.60
C PRO D 94 30.03 -22.73 -2.31
N GLY D 95 28.96 -23.53 -2.47
CA GLY D 95 28.28 -24.10 -1.33
C GLY D 95 27.44 -23.15 -0.52
N GLN D 96 27.03 -22.02 -1.10
CA GLN D 96 26.23 -21.03 -0.41
C GLN D 96 24.76 -21.17 -0.77
N THR D 97 23.90 -20.80 0.17
CA THR D 97 22.45 -20.83 -0.04
C THR D 97 21.86 -19.47 0.31
N GLY D 98 20.68 -19.20 -0.24
CA GLY D 98 20.03 -17.92 -0.09
C GLY D 98 19.34 -17.50 -1.37
N LYS D 99 18.54 -16.42 -1.30
CA LYS D 99 17.74 -16.03 -2.45
C LYS D 99 18.59 -15.77 -3.69
N ILE D 100 19.81 -15.28 -3.52
CA ILE D 100 20.68 -15.01 -4.66
C ILE D 100 21.28 -16.31 -5.19
N ALA D 101 21.86 -17.11 -4.31
CA ALA D 101 22.52 -18.34 -4.75
C ALA D 101 21.52 -19.38 -5.24
N ASP D 102 20.31 -19.40 -4.67
CA ASP D 102 19.34 -20.43 -5.04
C ASP D 102 18.57 -20.04 -6.29
N TYR D 103 18.27 -18.76 -6.48
CA TYR D 103 17.32 -18.34 -7.49
C TYR D 103 17.86 -17.38 -8.54
N ASN D 104 19.04 -16.79 -8.33
CA ASN D 104 19.55 -15.79 -9.26
C ASN D 104 20.88 -16.18 -9.90
N TYR D 105 21.88 -16.52 -9.11
CA TYR D 105 23.20 -16.85 -9.65
C TYR D 105 23.85 -17.89 -8.74
N LYS D 106 24.18 -19.05 -9.30
CA LYS D 106 24.71 -20.17 -8.53
C LYS D 106 26.10 -20.53 -9.05
N LEU D 107 27.05 -20.71 -8.11
CA LEU D 107 28.39 -21.18 -8.41
C LEU D 107 28.50 -22.66 -8.08
N PRO D 108 29.29 -23.42 -8.84
CA PRO D 108 29.44 -24.85 -8.55
C PRO D 108 30.28 -25.10 -7.30
N ASP D 109 30.16 -26.32 -6.79
CA ASP D 109 30.97 -26.70 -5.63
C ASP D 109 32.45 -26.74 -5.97
N ASP D 110 32.80 -27.22 -7.17
CA ASP D 110 34.17 -27.29 -7.64
C ASP D 110 34.58 -26.06 -8.43
N PHE D 111 33.97 -24.91 -8.14
CA PHE D 111 34.30 -23.68 -8.85
C PHE D 111 35.77 -23.31 -8.66
N THR D 112 36.46 -23.06 -9.75
CA THR D 112 37.84 -22.56 -9.73
C THR D 112 37.85 -21.25 -10.50
N GLY D 113 37.91 -20.15 -9.75
CA GLY D 113 37.86 -18.82 -10.33
C GLY D 113 37.97 -17.77 -9.24
N CYS D 114 37.62 -16.54 -9.60
CA CYS D 114 37.73 -15.39 -8.69
C CYS D 114 36.44 -14.57 -8.64
N VAL D 115 36.01 -14.25 -7.43
CA VAL D 115 34.83 -13.42 -7.20
C VAL D 115 35.32 -12.04 -6.76
N ILE D 116 34.96 -11.02 -7.54
CA ILE D 116 35.39 -9.65 -7.32
C ILE D 116 34.17 -8.77 -7.16
N ALA D 117 34.18 -7.93 -6.12
CA ALA D 117 33.05 -7.05 -5.85
C ALA D 117 33.56 -5.73 -5.27
N TRP D 118 32.79 -4.67 -5.49
CA TRP D 118 33.12 -3.35 -4.96
C TRP D 118 31.85 -2.53 -4.79
N ASN D 119 31.88 -1.64 -3.80
CA ASN D 119 30.75 -0.77 -3.54
C ASN D 119 30.53 0.19 -4.70
N SER D 120 29.28 0.28 -5.15
CA SER D 120 28.89 1.17 -6.24
C SER D 120 27.71 2.04 -5.83
N ASN D 121 27.70 2.47 -4.57
CA ASN D 121 26.63 3.31 -4.08
C ASN D 121 26.60 4.66 -4.79
N ASN D 122 27.77 5.17 -5.20
CA ASN D 122 27.81 6.44 -5.90
C ASN D 122 27.19 6.38 -7.29
N LEU D 123 27.14 5.19 -7.89
CA LEU D 123 26.68 5.02 -9.27
C LEU D 123 25.27 4.48 -9.36
N ASP D 124 24.92 3.48 -8.55
CA ASP D 124 23.66 2.78 -8.67
C ASP D 124 22.61 3.24 -7.66
N SER D 125 22.95 4.15 -6.77
CA SER D 125 21.98 4.69 -5.82
C SER D 125 21.40 6.00 -6.35
N LYS D 126 20.11 6.19 -6.12
CA LYS D 126 19.44 7.45 -6.39
C LYS D 126 18.57 7.79 -5.20
N VAL D 127 18.43 9.08 -4.92
CA VAL D 127 17.64 9.53 -3.78
C VAL D 127 16.17 9.34 -4.10
N GLY D 128 15.45 8.68 -3.20
CA GLY D 128 14.11 8.21 -3.48
C GLY D 128 14.05 6.81 -4.05
N GLY D 129 15.19 6.20 -4.33
CA GLY D 129 15.25 4.82 -4.76
C GLY D 129 15.62 4.62 -6.22
N ASN D 130 16.60 3.76 -6.46
CA ASN D 130 16.93 3.28 -7.80
C ASN D 130 16.43 1.85 -7.87
N TYR D 131 15.24 1.68 -8.45
CA TYR D 131 14.56 0.39 -8.50
C TYR D 131 14.83 -0.36 -9.80
N ASN D 132 15.90 -0.03 -10.51
CA ASN D 132 16.19 -0.68 -11.78
C ASN D 132 16.76 -2.08 -11.61
N TYR D 133 17.32 -2.39 -10.45
CA TYR D 133 17.96 -3.67 -10.21
C TYR D 133 16.99 -4.61 -9.50
N LEU D 134 16.74 -5.77 -10.11
CA LEU D 134 15.82 -6.75 -9.58
C LEU D 134 16.57 -8.02 -9.17
N TYR D 135 15.84 -8.91 -8.50
CA TYR D 135 16.33 -10.21 -8.11
C TYR D 135 15.14 -11.16 -8.00
N ARG D 136 15.37 -12.43 -8.34
CA ARG D 136 14.28 -13.39 -8.38
C ARG D 136 13.88 -13.81 -6.98
N LEU D 137 12.58 -13.75 -6.69
CA LEU D 137 12.00 -14.09 -5.41
C LEU D 137 11.57 -15.55 -5.34
N PHE D 138 10.82 -15.98 -6.33
CA PHE D 138 10.15 -17.27 -6.32
C PHE D 138 10.79 -18.20 -7.34
N ARG D 139 10.96 -19.47 -6.94
CA ARG D 139 11.33 -20.52 -7.88
C ARG D 139 11.03 -21.86 -7.21
N LYS D 140 10.52 -22.79 -8.00
CA LYS D 140 10.11 -24.08 -7.44
C LYS D 140 11.31 -24.95 -7.09
N SER D 141 12.44 -24.75 -7.76
CA SER D 141 13.67 -25.48 -7.48
C SER D 141 14.86 -24.56 -7.65
N ASN D 142 15.94 -24.87 -6.95
CA ASN D 142 17.15 -24.04 -7.01
C ASN D 142 17.78 -24.10 -8.39
N LEU D 143 18.54 -23.05 -8.70
CA LEU D 143 19.26 -22.99 -9.95
C LEU D 143 20.44 -23.97 -9.96
N LYS D 144 20.74 -24.49 -11.13
CA LYS D 144 21.96 -25.24 -11.33
C LYS D 144 23.13 -24.28 -11.48
N PRO D 145 24.36 -24.77 -11.31
CA PRO D 145 25.53 -23.88 -11.50
C PRO D 145 25.53 -23.25 -12.87
N PHE D 146 25.70 -21.92 -12.90
CA PHE D 146 25.76 -21.13 -14.12
C PHE D 146 24.47 -21.17 -14.92
N GLU D 147 23.34 -21.40 -14.24
CA GLU D 147 22.03 -21.30 -14.88
C GLU D 147 21.52 -19.87 -14.77
N ARG D 148 20.84 -19.42 -15.82
CA ARG D 148 20.24 -18.09 -15.86
C ARG D 148 18.76 -18.22 -16.18
N ASP D 149 17.92 -17.71 -15.27
CA ASP D 149 16.48 -17.76 -15.43
C ASP D 149 15.95 -16.34 -15.56
N ILE D 150 15.39 -16.01 -16.72
CA ILE D 150 14.86 -14.68 -16.99
C ILE D 150 13.35 -14.72 -17.17
N SER D 151 12.70 -15.79 -16.71
CA SER D 151 11.25 -15.90 -16.85
C SER D 151 10.54 -14.84 -16.03
N THR D 152 9.44 -14.32 -16.56
CA THR D 152 8.55 -13.43 -15.83
C THR D 152 7.15 -14.03 -15.69
N GLU D 153 7.04 -15.36 -15.84
CA GLU D 153 5.76 -16.02 -15.68
C GLU D 153 5.28 -15.88 -14.24
N ILE D 154 3.98 -15.60 -14.08
CA ILE D 154 3.40 -15.43 -12.75
C ILE D 154 3.55 -16.73 -11.97
N TYR D 155 4.09 -16.63 -10.75
CA TYR D 155 4.36 -17.80 -9.93
C TYR D 155 3.07 -18.34 -9.33
N GLN D 156 2.91 -19.66 -9.37
CA GLN D 156 1.71 -20.34 -8.89
C GLN D 156 2.04 -20.98 -7.54
N ALA D 157 1.66 -20.30 -6.46
CA ALA D 157 1.91 -20.80 -5.11
C ALA D 157 0.80 -21.70 -4.58
N GLY D 158 -0.34 -21.76 -5.27
CA GLY D 158 -1.42 -22.64 -4.88
C GLY D 158 -1.72 -23.67 -5.94
N SER D 159 -2.85 -24.36 -5.81
CA SER D 159 -3.19 -25.43 -6.75
C SER D 159 -3.96 -24.94 -7.98
N THR D 160 -4.48 -23.71 -7.96
CA THR D 160 -5.26 -23.24 -9.09
C THR D 160 -4.41 -22.34 -9.97
N PRO D 161 -4.40 -22.58 -11.29
CA PRO D 161 -3.53 -21.80 -12.17
C PRO D 161 -3.89 -20.32 -12.19
N CYS D 162 -2.89 -19.54 -12.61
CA CYS D 162 -2.87 -18.09 -12.48
C CYS D 162 -3.31 -17.38 -13.75
N ASN D 163 -2.98 -17.92 -14.92
CA ASN D 163 -3.38 -17.38 -16.22
C ASN D 163 -2.83 -15.97 -16.42
N GLY D 164 -1.60 -15.74 -15.94
CA GLY D 164 -0.98 -14.44 -16.11
C GLY D 164 -1.63 -13.33 -15.34
N VAL D 165 -2.27 -13.63 -14.22
CA VAL D 165 -2.95 -12.65 -13.39
C VAL D 165 -2.33 -12.66 -12.01
N GLU D 166 -1.89 -11.50 -11.55
CA GLU D 166 -1.42 -11.38 -10.17
C GLU D 166 -2.61 -11.51 -9.20
N GLY D 167 -2.30 -11.71 -7.93
CA GLY D 167 -3.31 -11.84 -6.93
C GLY D 167 -2.92 -12.91 -5.92
N PHE D 168 -3.92 -13.48 -5.26
CA PHE D 168 -3.67 -14.46 -4.22
C PHE D 168 -3.04 -15.72 -4.82
N ASN D 169 -1.93 -16.16 -4.23
CA ASN D 169 -1.21 -17.37 -4.65
C ASN D 169 -0.73 -17.27 -6.09
N CYS D 170 -0.60 -16.04 -6.59
CA CYS D 170 -0.19 -15.82 -7.96
C CYS D 170 0.63 -14.52 -7.96
N TYR D 171 1.96 -14.63 -7.88
CA TYR D 171 2.83 -13.51 -7.59
C TYR D 171 3.87 -13.30 -8.67
N PHE D 172 4.22 -12.04 -8.91
CA PHE D 172 5.31 -11.72 -9.81
C PHE D 172 6.61 -12.27 -9.23
N PRO D 173 7.39 -13.02 -10.01
CA PRO D 173 8.56 -13.71 -9.42
C PRO D 173 9.74 -12.80 -9.11
N LEU D 174 9.75 -11.57 -9.62
CA LEU D 174 10.88 -10.66 -9.44
C LEU D 174 10.52 -9.54 -8.48
N GLN D 175 11.52 -9.04 -7.78
CA GLN D 175 11.34 -7.94 -6.83
C GLN D 175 12.46 -6.92 -7.01
N SER D 176 12.12 -5.66 -6.77
CA SER D 176 13.07 -4.57 -6.96
C SER D 176 13.91 -4.36 -5.70
N TYR D 177 15.18 -4.01 -5.92
CA TYR D 177 16.08 -3.76 -4.79
C TYR D 177 15.74 -2.43 -4.12
N GLY D 178 15.77 -1.34 -4.87
CA GLY D 178 15.50 -0.03 -4.30
C GLY D 178 16.65 0.54 -3.49
N PHE D 179 17.76 0.86 -4.17
CA PHE D 179 18.94 1.39 -3.50
C PHE D 179 18.80 2.90 -3.31
N GLN D 180 19.05 3.36 -2.09
CA GLN D 180 19.12 4.77 -1.75
C GLN D 180 20.50 5.10 -1.20
N PRO D 181 20.98 6.32 -1.40
CA PRO D 181 22.34 6.66 -0.93
C PRO D 181 22.51 6.60 0.57
N THR D 182 21.43 6.67 1.34
CA THR D 182 21.49 6.60 2.79
C THR D 182 21.17 5.21 3.33
N ASN D 183 21.03 4.22 2.45
CA ASN D 183 20.88 2.84 2.90
C ASN D 183 22.12 2.40 3.65
N GLY D 184 21.93 1.54 4.65
CA GLY D 184 23.05 0.91 5.29
C GLY D 184 23.91 0.21 4.27
N VAL D 185 25.22 0.11 4.53
CA VAL D 185 26.13 -0.47 3.54
C VAL D 185 25.75 -1.91 3.23
N GLY D 186 25.06 -2.58 4.16
CA GLY D 186 24.50 -3.89 3.85
C GLY D 186 23.46 -3.82 2.75
N TYR D 187 22.68 -2.75 2.72
CA TYR D 187 21.68 -2.51 1.68
C TYR D 187 22.16 -1.51 0.64
N GLN D 188 23.47 -1.36 0.48
CA GLN D 188 23.97 -0.53 -0.60
C GLN D 188 24.37 -1.41 -1.79
N PRO D 189 24.25 -0.90 -3.02
CA PRO D 189 24.53 -1.74 -4.19
C PRO D 189 26.01 -2.04 -4.33
N TYR D 190 26.31 -3.27 -4.74
CA TYR D 190 27.66 -3.71 -5.00
C TYR D 190 27.72 -4.37 -6.37
N ARG D 191 28.67 -3.94 -7.19
CA ARG D 191 28.89 -4.54 -8.49
C ARG D 191 29.85 -5.71 -8.35
N VAL D 192 29.48 -6.85 -8.92
CA VAL D 192 30.24 -8.09 -8.79
C VAL D 192 30.69 -8.54 -10.17
N VAL D 193 31.91 -9.04 -10.26
CA VAL D 193 32.45 -9.64 -11.47
C VAL D 193 33.03 -10.99 -11.11
N VAL D 194 32.50 -12.06 -11.69
CA VAL D 194 32.97 -13.42 -11.44
C VAL D 194 33.77 -13.87 -12.65
N LEU D 195 34.97 -14.38 -12.41
CA LEU D 195 35.86 -14.87 -13.46
C LEU D 195 35.96 -16.39 -13.35
N SER D 196 35.48 -17.09 -14.37
CA SER D 196 35.47 -18.54 -14.40
C SER D 196 36.51 -19.02 -15.42
N PHE D 197 37.44 -19.86 -14.97
CA PHE D 197 38.54 -20.34 -15.80
C PHE D 197 38.25 -21.77 -16.22
N GLU D 198 38.00 -21.97 -17.51
CA GLU D 198 37.75 -23.29 -18.07
C GLU D 198 39.07 -23.93 -18.50
N LEU D 199 39.21 -25.23 -18.26
CA LEU D 199 40.39 -26.00 -18.63
C LEU D 199 39.95 -27.22 -19.42
N LEU D 200 40.56 -27.45 -20.58
CA LEU D 200 40.09 -28.50 -21.47
C LEU D 200 41.24 -29.18 -22.18
N HIS D 201 40.87 -30.10 -23.06
CA HIS D 201 41.73 -30.77 -24.02
C HIS D 201 42.17 -29.85 -25.15
N ALA D 202 41.48 -28.74 -25.36
CA ALA D 202 41.70 -27.84 -26.47
C ALA D 202 42.88 -26.92 -26.20
N PRO D 203 43.45 -26.30 -27.23
CA PRO D 203 44.54 -25.36 -27.02
C PRO D 203 44.07 -24.16 -26.21
N ALA D 204 44.94 -23.67 -25.34
CA ALA D 204 44.64 -22.50 -24.53
C ALA D 204 44.73 -21.24 -25.38
N THR D 205 43.81 -20.31 -25.15
CA THR D 205 43.81 -19.04 -25.83
C THR D 205 43.97 -17.85 -24.89
N VAL D 206 43.85 -18.05 -23.58
CA VAL D 206 44.01 -16.99 -22.59
C VAL D 206 45.12 -17.41 -21.63
N CYS D 207 46.27 -16.72 -21.71
CA CYS D 207 47.42 -17.01 -20.86
C CYS D 207 47.84 -15.82 -20.00
N GLY D 208 48.02 -14.64 -20.59
CA GLY D 208 48.40 -13.43 -19.89
C GLY D 208 49.69 -13.48 -19.07
N PRO D 209 50.86 -13.54 -19.74
CA PRO D 209 52.14 -13.33 -19.05
C PRO D 209 52.11 -12.14 -18.07
N GLU E 1 -10.31 -20.17 0.94
CA GLU E 1 -9.82 -20.17 2.32
C GLU E 1 -8.36 -20.58 2.41
N VAL E 2 -7.73 -20.20 3.52
CA VAL E 2 -6.46 -20.77 3.97
C VAL E 2 -6.65 -21.21 5.41
N GLN E 3 -6.11 -22.37 5.78
CA GLN E 3 -6.04 -22.73 7.19
C GLN E 3 -4.84 -23.62 7.45
N LEU E 4 -4.13 -23.30 8.53
CA LEU E 4 -3.01 -24.08 9.01
C LEU E 4 -3.40 -24.67 10.36
N VAL E 5 -3.37 -26.00 10.48
CA VAL E 5 -3.69 -26.68 11.72
C VAL E 5 -2.47 -27.46 12.16
N GLU E 6 -2.08 -27.26 13.42
CA GLU E 6 -0.82 -27.79 13.95
C GLU E 6 -1.09 -28.81 15.04
N SER E 7 -0.17 -29.77 15.17
CA SER E 7 -0.29 -30.82 16.16
C SER E 7 1.12 -31.27 16.56
N GLY E 8 1.16 -32.26 17.46
CA GLY E 8 2.42 -32.78 17.95
C GLY E 8 2.90 -32.17 19.26
N GLY E 9 2.30 -31.06 19.69
CA GLY E 9 2.72 -30.45 20.93
C GLY E 9 2.33 -31.30 22.13
N GLY E 10 3.21 -31.33 23.13
CA GLY E 10 2.97 -32.10 24.33
C GLY E 10 4.00 -31.86 25.41
N LEU E 11 4.24 -32.88 26.23
CA LEU E 11 5.22 -32.79 27.32
C LEU E 11 6.45 -33.62 26.94
N VAL E 12 7.63 -33.06 27.20
CA VAL E 12 8.89 -33.72 26.86
C VAL E 12 9.91 -33.42 27.96
N GLN E 13 10.80 -34.38 28.19
CA GLN E 13 11.87 -34.23 29.15
C GLN E 13 13.01 -33.42 28.54
N PRO E 14 13.72 -32.62 29.36
CA PRO E 14 14.90 -31.91 28.87
C PRO E 14 15.89 -32.86 28.21
N GLY E 15 16.29 -32.52 26.98
CA GLY E 15 17.12 -33.38 26.18
C GLY E 15 16.36 -34.30 25.23
N GLY E 16 15.04 -34.43 25.42
CA GLY E 16 14.24 -35.25 24.54
C GLY E 16 14.01 -34.60 23.19
N SER E 17 13.15 -35.25 22.40
CA SER E 17 12.86 -34.81 21.05
C SER E 17 11.36 -34.87 20.78
N LEU E 18 10.91 -34.03 19.85
CA LEU E 18 9.51 -33.90 19.49
C LEU E 18 9.43 -33.39 18.07
N ARG E 19 8.45 -33.86 17.31
CA ARG E 19 8.23 -33.41 15.94
C ARG E 19 6.83 -32.82 15.81
N LEU E 20 6.77 -31.57 15.40
CA LEU E 20 5.50 -30.89 15.19
C LEU E 20 5.13 -30.94 13.71
N SER E 21 3.84 -31.04 13.44
CA SER E 21 3.32 -31.04 12.08
C SER E 21 2.27 -29.96 11.93
N CYS E 22 2.20 -29.38 10.73
CA CYS E 22 1.26 -28.31 10.44
C CYS E 22 0.63 -28.60 9.07
N ALA E 23 -0.59 -29.13 9.09
CA ALA E 23 -1.30 -29.48 7.86
C ALA E 23 -1.93 -28.22 7.28
N ALA E 24 -1.62 -27.92 6.02
CA ALA E 24 -2.05 -26.70 5.37
C ALA E 24 -3.10 -26.98 4.31
N SER E 25 -3.98 -26.00 4.10
CA SER E 25 -4.97 -26.04 3.04
C SER E 25 -5.15 -24.64 2.50
N GLY E 26 -5.35 -24.54 1.19
CA GLY E 26 -5.46 -23.26 0.52
C GLY E 26 -4.24 -22.83 -0.26
N PHE E 27 -3.16 -23.62 -0.21
CA PHE E 27 -1.95 -23.38 -0.96
C PHE E 27 -1.11 -24.64 -0.87
N THR E 28 -0.18 -24.81 -1.80
CA THR E 28 0.71 -25.95 -1.81
C THR E 28 2.01 -25.57 -1.13
N VAL E 29 2.32 -26.24 -0.01
CA VAL E 29 3.46 -25.87 0.83
C VAL E 29 4.79 -26.08 0.12
N SER E 30 4.81 -26.86 -0.96
CA SER E 30 6.03 -27.14 -1.72
C SER E 30 6.42 -26.01 -2.67
N SER E 31 5.68 -24.92 -2.67
CA SER E 31 5.97 -23.77 -3.52
C SER E 31 6.07 -22.47 -2.73
N ASN E 32 5.83 -22.52 -1.42
CA ASN E 32 5.78 -21.32 -0.59
C ASN E 32 6.89 -21.34 0.45
N TYR E 33 7.28 -20.15 0.88
CA TYR E 33 8.10 -20.00 2.06
C TYR E 33 7.23 -20.26 3.29
N MET E 34 7.72 -21.10 4.20
CA MET E 34 6.98 -21.41 5.42
C MET E 34 7.89 -21.25 6.62
N SER E 35 7.34 -20.73 7.71
CA SER E 35 8.12 -20.39 8.90
C SER E 35 7.50 -21.01 10.14
N TRP E 36 8.35 -21.24 11.14
CA TRP E 36 7.91 -21.55 12.50
C TRP E 36 8.29 -20.38 13.39
N VAL E 37 7.32 -19.89 14.17
CA VAL E 37 7.53 -18.81 15.12
C VAL E 37 6.92 -19.23 16.45
N ARG E 38 7.70 -19.13 17.53
CA ARG E 38 7.27 -19.57 18.85
C ARG E 38 7.07 -18.37 19.77
N GLN E 39 6.37 -18.63 20.87
CA GLN E 39 6.08 -17.58 21.85
C GLN E 39 6.07 -18.22 23.24
N ALA E 40 7.11 -17.94 24.03
CA ALA E 40 7.14 -18.42 25.40
C ALA E 40 6.00 -17.80 26.20
N PRO E 41 5.52 -18.49 27.24
CA PRO E 41 4.40 -17.96 28.03
C PRO E 41 4.72 -16.59 28.62
N GLY E 42 3.90 -15.59 28.26
CA GLY E 42 4.08 -14.24 28.74
C GLY E 42 5.09 -13.41 27.99
N LYS E 43 5.85 -14.00 27.06
CA LYS E 43 6.87 -13.29 26.32
C LYS E 43 6.38 -12.97 24.91
N GLY E 44 7.28 -12.40 24.10
CA GLY E 44 6.94 -12.02 22.74
C GLY E 44 7.23 -13.12 21.73
N LEU E 45 7.03 -12.78 20.47
CA LEU E 45 7.22 -13.73 19.38
C LEU E 45 8.70 -13.87 19.05
N GLU E 46 9.12 -15.09 18.73
CA GLU E 46 10.49 -15.36 18.32
C GLU E 46 10.47 -16.29 17.12
N TRP E 47 11.07 -15.85 16.02
CA TRP E 47 11.16 -16.68 14.83
C TRP E 47 12.16 -17.81 15.06
N VAL E 48 11.77 -19.01 14.61
CA VAL E 48 12.55 -20.22 14.84
C VAL E 48 13.23 -20.70 13.56
N SER E 49 12.46 -20.92 12.50
CA SER E 49 12.99 -21.52 11.29
C SER E 49 12.16 -21.09 10.10
N VAL E 50 12.76 -21.20 8.92
CA VAL E 50 12.08 -20.90 7.66
C VAL E 50 12.62 -21.84 6.59
N ILE E 51 11.75 -22.26 5.69
CA ILE E 51 12.13 -23.07 4.54
C ILE E 51 11.68 -22.33 3.28
N TYR E 52 12.56 -22.25 2.29
CA TYR E 52 12.26 -21.55 1.06
C TYR E 52 11.46 -22.44 0.12
N SER E 53 11.02 -21.86 -1.00
CA SER E 53 10.30 -22.64 -2.01
C SER E 53 11.23 -23.63 -2.68
N GLY E 54 12.47 -23.22 -2.95
CA GLY E 54 13.45 -24.13 -3.54
C GLY E 54 13.90 -25.22 -2.60
N GLY E 55 13.74 -25.03 -1.29
CA GLY E 55 14.09 -26.02 -0.30
C GLY E 55 15.07 -25.54 0.76
N SER E 56 15.75 -24.42 0.52
CA SER E 56 16.76 -23.95 1.46
C SER E 56 16.12 -23.59 2.80
N THR E 57 16.85 -23.88 3.87
CA THR E 57 16.35 -23.71 5.23
C THR E 57 17.27 -22.78 6.02
N PHE E 58 16.66 -21.98 6.90
CA PHE E 58 17.40 -21.06 7.75
C PHE E 58 16.79 -21.08 9.14
N TYR E 59 17.64 -20.92 10.14
CA TYR E 59 17.24 -21.08 11.54
C TYR E 59 17.77 -19.92 12.37
N ALA E 60 17.13 -19.72 13.52
CA ALA E 60 17.62 -18.76 14.50
C ALA E 60 18.82 -19.36 15.25
N ASP E 61 19.66 -18.47 15.77
CA ASP E 61 20.87 -18.93 16.46
C ASP E 61 20.54 -19.76 17.69
N SER E 62 19.39 -19.51 18.32
CA SER E 62 19.03 -20.23 19.54
C SER E 62 18.65 -21.68 19.27
N VAL E 63 18.37 -22.05 18.02
CA VAL E 63 17.86 -23.38 17.72
C VAL E 63 18.70 -24.06 16.65
N LYS E 64 19.85 -23.48 16.32
CA LYS E 64 20.70 -24.06 15.29
C LYS E 64 21.34 -25.35 15.79
N GLY E 65 21.43 -26.34 14.90
CA GLY E 65 21.94 -27.65 15.24
C GLY E 65 20.98 -28.56 15.97
N ARG E 66 19.88 -28.02 16.49
CA ARG E 66 18.90 -28.81 17.23
C ARG E 66 17.56 -28.92 16.54
N PHE E 67 17.15 -27.91 15.78
CA PHE E 67 15.86 -27.88 15.12
C PHE E 67 16.04 -28.04 13.61
N THR E 68 15.19 -28.86 13.00
CA THR E 68 15.22 -29.08 11.56
C THR E 68 13.82 -28.90 11.00
N ILE E 69 13.72 -28.19 9.89
CA ILE E 69 12.44 -27.92 9.23
C ILE E 69 12.40 -28.67 7.91
N SER E 70 11.21 -29.15 7.55
CA SER E 70 11.02 -29.88 6.29
C SER E 70 9.52 -29.89 6.00
N ARG E 71 9.16 -30.53 4.89
CA ARG E 71 7.78 -30.51 4.43
C ARG E 71 7.48 -31.77 3.63
N ASP E 72 6.19 -32.05 3.46
CA ASP E 72 5.71 -33.18 2.67
C ASP E 72 4.86 -32.62 1.53
N ASN E 73 5.39 -32.70 0.31
CA ASN E 73 4.79 -32.07 -0.85
C ASN E 73 3.60 -32.85 -1.42
N SER E 74 3.40 -34.10 -0.99
CA SER E 74 2.25 -34.90 -1.39
C SER E 74 1.22 -35.02 -0.27
N MET E 75 1.38 -34.28 0.82
CA MET E 75 0.38 -34.19 1.87
C MET E 75 0.12 -32.75 2.30
N ASN E 76 0.87 -31.79 1.76
CA ASN E 76 0.75 -30.37 2.10
C ASN E 76 0.90 -30.18 3.61
N THR E 77 2.05 -30.62 4.12
CA THR E 77 2.33 -30.61 5.55
C THR E 77 3.74 -30.12 5.79
N LEU E 78 3.89 -29.25 6.78
CA LEU E 78 5.19 -28.76 7.23
C LEU E 78 5.54 -29.40 8.56
N PHE E 79 6.84 -29.58 8.81
CA PHE E 79 7.31 -30.26 10.00
C PHE E 79 8.41 -29.46 10.67
N LEU E 80 8.55 -29.69 11.98
CA LEU E 80 9.65 -29.13 12.77
C LEU E 80 10.15 -30.23 13.70
N GLN E 81 11.34 -30.75 13.44
CA GLN E 81 11.94 -31.78 14.27
C GLN E 81 12.84 -31.11 15.31
N MET E 82 12.42 -31.16 16.56
CA MET E 82 13.13 -30.52 17.66
C MET E 82 13.91 -31.56 18.45
N ASN E 83 15.22 -31.36 18.56
CA ASN E 83 16.09 -32.26 19.30
C ASN E 83 16.79 -31.50 20.42
N SER E 84 17.23 -32.24 21.43
CA SER E 84 17.96 -31.70 22.58
C SER E 84 17.19 -30.53 23.21
N LEU E 85 15.91 -30.75 23.44
CA LEU E 85 15.04 -29.71 23.96
C LEU E 85 15.45 -29.32 25.38
N ARG E 86 15.33 -28.04 25.69
CA ARG E 86 15.60 -27.49 27.01
C ARG E 86 14.37 -26.75 27.52
N ALA E 87 14.47 -26.24 28.75
CA ALA E 87 13.32 -25.58 29.37
C ALA E 87 12.95 -24.29 28.66
N GLU E 88 13.92 -23.55 28.14
CA GLU E 88 13.61 -22.31 27.44
C GLU E 88 12.87 -22.54 26.14
N ASP E 89 12.92 -23.76 25.59
CA ASP E 89 12.17 -24.07 24.38
C ASP E 89 10.68 -24.22 24.64
N THR E 90 10.24 -24.20 25.89
CA THR E 90 8.82 -24.22 26.21
C THR E 90 8.13 -22.99 25.63
N ALA E 91 7.22 -23.21 24.70
CA ALA E 91 6.56 -22.11 24.02
C ALA E 91 5.39 -22.66 23.20
N VAL E 92 4.51 -21.75 22.78
CA VAL E 92 3.49 -22.05 21.78
C VAL E 92 4.10 -21.85 20.41
N TYR E 93 4.04 -22.88 19.57
CA TYR E 93 4.69 -22.88 18.27
C TYR E 93 3.67 -22.67 17.17
N TYR E 94 3.92 -21.67 16.32
CA TYR E 94 3.05 -21.34 15.20
C TYR E 94 3.76 -21.66 13.89
N CYS E 95 3.04 -22.32 12.98
CA CYS E 95 3.44 -22.42 11.59
C CYS E 95 2.73 -21.31 10.82
N ALA E 96 3.39 -20.78 9.80
CA ALA E 96 2.77 -19.72 9.03
C ALA E 96 3.33 -19.67 7.62
N ARG E 97 2.49 -19.23 6.69
CA ARG E 97 2.89 -19.04 5.31
C ARG E 97 3.62 -17.71 5.17
N VAL E 98 4.74 -17.73 4.46
CA VAL E 98 5.60 -16.56 4.31
C VAL E 98 5.56 -16.11 2.86
N LEU E 99 5.37 -14.80 2.67
CA LEU E 99 5.49 -14.21 1.35
C LEU E 99 6.82 -13.48 1.24
N PRO E 100 7.60 -13.74 0.20
CA PRO E 100 8.98 -13.22 0.14
C PRO E 100 9.14 -11.83 -0.44
N MET E 101 8.05 -11.08 -0.64
CA MET E 101 8.14 -9.74 -1.19
C MET E 101 8.40 -8.72 -0.10
N TYR E 102 9.13 -7.66 -0.44
CA TYR E 102 9.41 -6.54 0.44
C TYR E 102 9.91 -7.03 1.80
N GLY E 103 11.05 -7.70 1.77
CA GLY E 103 11.47 -8.51 2.90
C GLY E 103 10.68 -9.80 2.89
N ASP E 104 10.31 -10.29 4.06
CA ASP E 104 9.43 -11.45 4.16
C ASP E 104 8.40 -11.18 5.23
N TYR E 105 7.13 -11.47 4.93
CA TYR E 105 6.05 -11.30 5.88
C TYR E 105 5.17 -12.54 5.87
N LEU E 106 4.50 -12.76 6.99
CA LEU E 106 3.67 -13.94 7.21
C LEU E 106 2.21 -13.47 7.23
N ASP E 107 1.44 -13.90 6.22
CA ASP E 107 0.07 -13.44 6.05
C ASP E 107 -0.98 -14.42 6.55
N TYR E 108 -0.59 -15.65 6.87
CA TYR E 108 -1.51 -16.65 7.37
C TYR E 108 -0.80 -17.45 8.45
N TRP E 109 -1.37 -17.48 9.64
CA TRP E 109 -0.81 -18.23 10.75
C TRP E 109 -1.76 -19.35 11.15
N GLY E 110 -1.20 -20.47 11.56
CA GLY E 110 -1.97 -21.43 12.31
C GLY E 110 -2.20 -20.93 13.72
N GLN E 111 -3.13 -21.59 14.43
CA GLN E 111 -3.53 -21.15 15.75
C GLN E 111 -2.57 -21.62 16.85
N GLY E 112 -1.82 -22.70 16.59
CA GLY E 112 -0.64 -22.94 17.40
C GLY E 112 -0.79 -24.13 18.33
N THR E 113 0.35 -24.72 18.69
CA THR E 113 0.41 -25.86 19.59
C THR E 113 1.44 -25.59 20.68
N LEU E 114 1.16 -26.12 21.88
CA LEU E 114 1.97 -25.84 23.06
C LEU E 114 2.96 -26.98 23.30
N VAL E 115 4.22 -26.63 23.54
CA VAL E 115 5.27 -27.58 23.83
C VAL E 115 5.84 -27.25 25.21
N THR E 116 5.71 -28.18 26.14
CA THR E 116 6.20 -28.02 27.51
C THR E 116 7.38 -28.97 27.72
N VAL E 117 8.52 -28.42 28.11
CA VAL E 117 9.74 -29.18 28.35
C VAL E 117 9.96 -29.21 29.85
N SER E 118 9.59 -30.31 30.51
CA SER E 118 9.69 -30.36 31.96
C SER E 118 10.08 -31.76 32.41
N SER E 119 10.52 -31.91 33.62
CA SER E 119 10.86 -33.20 34.14
C SER E 119 9.67 -33.79 34.91
N ALA E 120 8.60 -33.01 34.98
CA ALA E 120 7.37 -33.28 35.70
C ALA E 120 6.57 -34.40 35.18
N SER E 121 5.55 -34.88 35.90
CA SER E 121 4.81 -36.01 35.37
C SER E 121 3.40 -35.57 34.99
N THR E 122 2.86 -36.23 33.96
CA THR E 122 1.52 -35.89 33.47
C THR E 122 0.46 -36.30 34.48
N LYS E 123 -0.63 -35.55 34.51
CA LYS E 123 -1.77 -35.88 35.36
C LYS E 123 -3.04 -35.34 34.73
N GLY E 124 -4.05 -36.19 34.64
CA GLY E 124 -5.34 -35.79 34.13
C GLY E 124 -6.11 -34.97 35.14
N PRO E 125 -7.02 -34.14 34.65
CA PRO E 125 -7.77 -33.26 35.56
C PRO E 125 -8.98 -33.95 36.17
N SER E 126 -9.38 -33.45 37.33
CA SER E 126 -10.65 -33.80 37.94
C SER E 126 -11.62 -32.66 37.69
N VAL E 127 -12.81 -32.98 37.17
CA VAL E 127 -13.79 -31.99 36.75
C VAL E 127 -14.94 -32.01 37.73
N PHE E 128 -15.23 -30.85 38.33
CA PHE E 128 -16.29 -30.67 39.31
C PHE E 128 -17.28 -29.61 38.84
N PRO E 129 -18.56 -29.76 39.19
CA PRO E 129 -19.56 -28.81 38.73
C PRO E 129 -19.70 -27.59 39.62
N LEU E 130 -19.93 -26.44 39.00
CA LEU E 130 -20.32 -25.21 39.70
C LEU E 130 -21.80 -25.03 39.46
N ALA E 131 -22.61 -25.47 40.43
CA ALA E 131 -24.04 -25.62 40.19
C ALA E 131 -24.74 -24.27 40.20
N PRO E 132 -25.76 -24.09 39.37
CA PRO E 132 -26.56 -22.85 39.43
C PRO E 132 -27.41 -22.84 40.69
N SER E 133 -27.27 -21.75 41.44
CA SER E 133 -28.07 -21.51 42.64
C SER E 133 -28.75 -20.15 42.48
N SER E 134 -29.47 -19.69 43.49
CA SER E 134 -29.99 -18.32 43.46
C SER E 134 -29.03 -17.32 44.08
N LYS E 135 -27.92 -17.79 44.67
CA LYS E 135 -26.79 -16.91 44.93
C LYS E 135 -26.01 -16.61 43.66
N SER E 136 -26.45 -17.16 42.53
CA SER E 136 -25.83 -16.96 41.22
C SER E 136 -26.88 -16.64 40.18
N THR E 137 -27.78 -15.71 40.51
CA THR E 137 -28.83 -15.24 39.60
C THR E 137 -28.96 -13.74 39.72
N SER E 138 -28.67 -13.00 38.64
CA SER E 138 -28.91 -11.57 38.56
C SER E 138 -29.77 -11.31 37.34
N GLY E 139 -30.94 -10.70 37.56
CA GLY E 139 -31.90 -10.56 36.48
C GLY E 139 -32.56 -11.90 36.18
N GLY E 140 -32.76 -12.18 34.90
CA GLY E 140 -33.29 -13.47 34.50
C GLY E 140 -32.20 -14.41 34.04
N THR E 141 -30.98 -14.17 34.50
CA THR E 141 -29.82 -14.94 34.11
C THR E 141 -29.22 -15.66 35.30
N ALA E 142 -28.61 -16.82 35.04
CA ALA E 142 -27.99 -17.62 36.08
C ALA E 142 -26.64 -18.13 35.58
N ALA E 143 -25.65 -18.13 36.45
CA ALA E 143 -24.32 -18.60 36.12
C ALA E 143 -24.11 -20.04 36.58
N LEU E 144 -23.34 -20.78 35.80
CA LEU E 144 -22.98 -22.15 36.13
C LEU E 144 -21.69 -22.48 35.38
N GLY E 145 -21.01 -23.54 35.82
CA GLY E 145 -19.77 -23.87 35.17
C GLY E 145 -19.15 -25.14 35.72
N CYS E 146 -17.93 -25.40 35.26
CA CYS E 146 -17.16 -26.57 35.66
C CYS E 146 -15.79 -26.11 36.14
N LEU E 147 -15.26 -26.84 37.12
CA LEU E 147 -13.94 -26.57 37.68
C LEU E 147 -13.00 -27.70 37.26
N VAL E 148 -12.01 -27.37 36.46
CA VAL E 148 -11.02 -28.32 35.96
C VAL E 148 -9.78 -28.18 36.82
N LYS E 149 -9.53 -29.14 37.70
CA LYS E 149 -8.55 -29.00 38.76
C LYS E 149 -7.44 -30.04 38.65
N ASP E 150 -6.22 -29.62 39.03
CA ASP E 150 -5.09 -30.50 39.28
C ASP E 150 -4.72 -31.31 38.03
N TYR E 151 -4.28 -30.58 37.00
CA TYR E 151 -3.81 -31.20 35.77
C TYR E 151 -2.46 -30.64 35.37
N PHE E 152 -1.75 -31.40 34.54
CA PHE E 152 -0.46 -31.02 34.00
C PHE E 152 -0.09 -31.94 32.85
N PRO E 153 0.49 -31.41 31.75
CA PRO E 153 0.69 -29.98 31.55
C PRO E 153 -0.48 -29.34 30.84
N GLU E 154 -0.28 -28.11 30.37
CA GLU E 154 -1.28 -27.46 29.56
C GLU E 154 -1.26 -28.07 28.14
N PRO E 155 -2.37 -27.96 27.39
CA PRO E 155 -3.62 -27.27 27.74
C PRO E 155 -4.82 -28.18 28.01
N VAL E 156 -5.92 -27.53 28.37
CA VAL E 156 -7.23 -28.15 28.43
C VAL E 156 -8.17 -27.38 27.50
N THR E 157 -9.10 -28.10 26.88
CA THR E 157 -10.13 -27.46 26.07
C THR E 157 -11.49 -27.91 26.58
N VAL E 158 -12.35 -26.94 26.89
CA VAL E 158 -13.68 -27.20 27.42
C VAL E 158 -14.71 -26.59 26.48
N SER E 159 -15.74 -27.37 26.18
CA SER E 159 -16.87 -26.89 25.41
C SER E 159 -18.16 -27.23 26.15
N TRP E 160 -19.26 -26.65 25.71
CA TRP E 160 -20.55 -26.82 26.35
C TRP E 160 -21.55 -27.40 25.36
N ASN E 161 -22.18 -28.51 25.74
CA ASN E 161 -23.09 -29.24 24.87
C ASN E 161 -22.40 -29.63 23.56
N SER E 162 -21.14 -30.04 23.67
CA SER E 162 -20.32 -30.45 22.53
C SER E 162 -20.21 -29.35 21.48
N GLY E 163 -20.19 -28.09 21.93
CA GLY E 163 -20.05 -26.95 21.05
C GLY E 163 -21.36 -26.28 20.67
N ALA E 164 -22.50 -26.83 21.09
CA ALA E 164 -23.78 -26.21 20.77
C ALA E 164 -24.03 -24.94 21.58
N LEU E 165 -23.29 -24.73 22.67
CA LEU E 165 -23.47 -23.57 23.53
C LEU E 165 -22.17 -22.78 23.54
N THR E 166 -22.19 -21.59 22.95
CA THR E 166 -21.01 -20.74 22.85
C THR E 166 -21.23 -19.30 23.28
N SER E 167 -22.47 -18.86 23.48
CA SER E 167 -22.74 -17.48 23.86
C SER E 167 -22.81 -17.38 25.37
N GLY E 168 -22.13 -16.37 25.92
CA GLY E 168 -22.08 -16.19 27.36
C GLY E 168 -21.12 -17.09 28.08
N VAL E 169 -20.25 -17.80 27.38
CA VAL E 169 -19.29 -18.71 28.01
C VAL E 169 -18.00 -17.95 28.29
N HIS E 170 -17.46 -18.13 29.49
CA HIS E 170 -16.18 -17.56 29.91
C HIS E 170 -15.33 -18.72 30.44
N THR E 171 -14.31 -19.10 29.68
CA THR E 171 -13.31 -20.06 30.14
C THR E 171 -12.05 -19.28 30.48
N PHE E 172 -11.75 -19.19 31.79
CA PHE E 172 -10.66 -18.40 32.32
C PHE E 172 -9.31 -19.06 32.04
N PRO E 173 -8.23 -18.26 31.96
CA PRO E 173 -6.91 -18.87 31.81
C PRO E 173 -6.54 -19.68 33.05
N ALA E 174 -5.78 -20.75 32.82
CA ALA E 174 -5.32 -21.56 33.93
C ALA E 174 -4.32 -20.81 34.78
N VAL E 175 -4.37 -21.07 36.09
CA VAL E 175 -3.39 -20.60 37.05
C VAL E 175 -2.58 -21.80 37.51
N LEU E 176 -1.27 -21.64 37.63
CA LEU E 176 -0.44 -22.72 38.14
C LEU E 176 -0.37 -22.62 39.66
N GLN E 177 -0.82 -23.67 40.32
CA GLN E 177 -0.93 -23.68 41.77
C GLN E 177 0.45 -23.90 42.40
N SER E 178 0.53 -23.68 43.71
CA SER E 178 1.70 -24.14 44.44
C SER E 178 1.88 -25.65 44.33
N SER E 179 0.84 -26.35 43.88
CA SER E 179 0.87 -27.78 43.68
C SER E 179 1.83 -28.22 42.58
N GLY E 180 2.27 -27.29 41.73
CA GLY E 180 2.88 -27.68 40.47
C GLY E 180 1.87 -28.13 39.45
N LEU E 181 0.58 -28.01 39.74
CA LEU E 181 -0.49 -28.41 38.86
C LEU E 181 -1.31 -27.19 38.45
N TYR E 182 -2.03 -27.33 37.35
CA TYR E 182 -2.91 -26.29 36.86
C TYR E 182 -4.35 -26.56 37.27
N SER E 183 -5.14 -25.49 37.34
CA SER E 183 -6.56 -25.58 37.59
C SER E 183 -7.26 -24.48 36.80
N LEU E 184 -8.37 -24.84 36.15
CA LEU E 184 -9.07 -23.93 35.26
C LEU E 184 -10.57 -24.00 35.51
N SER E 185 -11.22 -22.86 35.33
CA SER E 185 -12.67 -22.72 35.50
C SER E 185 -13.30 -22.26 34.20
N SER E 186 -14.46 -22.82 33.87
CA SER E 186 -15.22 -22.45 32.69
C SER E 186 -16.66 -22.22 33.11
N VAL E 187 -17.13 -20.98 32.97
CA VAL E 187 -18.48 -20.63 33.41
C VAL E 187 -19.30 -20.16 32.22
N VAL E 188 -20.61 -20.19 32.40
CA VAL E 188 -21.57 -19.79 31.37
C VAL E 188 -22.79 -19.21 32.07
N THR E 189 -23.24 -18.03 31.62
CA THR E 189 -24.46 -17.42 32.13
C THR E 189 -25.61 -17.77 31.20
N VAL E 190 -26.79 -17.96 31.78
CA VAL E 190 -27.87 -18.68 31.12
C VAL E 190 -29.20 -18.11 31.62
N PRO E 191 -30.29 -18.20 30.85
CA PRO E 191 -31.59 -17.82 31.41
C PRO E 191 -32.00 -18.75 32.53
N SER E 192 -32.55 -18.16 33.60
CA SER E 192 -33.02 -18.97 34.71
C SER E 192 -34.25 -19.80 34.33
N SER E 193 -34.96 -19.41 33.27
CA SER E 193 -36.15 -20.13 32.84
C SER E 193 -35.84 -21.41 32.10
N SER E 194 -34.60 -21.60 31.65
CA SER E 194 -34.20 -22.82 30.96
C SER E 194 -33.54 -23.84 31.88
N LEU E 195 -33.37 -23.50 33.17
CA LEU E 195 -32.60 -24.36 34.08
C LEU E 195 -33.24 -25.73 34.27
N GLY E 196 -34.57 -25.79 34.22
CA GLY E 196 -35.24 -27.05 34.43
C GLY E 196 -35.47 -27.82 33.13
N THR E 197 -35.52 -27.09 32.02
CA THR E 197 -35.82 -27.66 30.72
C THR E 197 -34.58 -28.00 29.90
N GLN E 198 -33.55 -27.17 29.97
CA GLN E 198 -32.31 -27.38 29.24
C GLN E 198 -31.29 -28.08 30.13
N THR E 199 -30.43 -28.88 29.50
CA THR E 199 -29.38 -29.61 30.21
C THR E 199 -28.02 -29.13 29.69
N TYR E 200 -27.13 -28.81 30.63
CA TYR E 200 -25.84 -28.22 30.30
C TYR E 200 -24.73 -29.16 30.72
N ILE E 201 -23.84 -29.47 29.78
CA ILE E 201 -22.72 -30.36 30.00
C ILE E 201 -21.46 -29.70 29.49
N CYS E 202 -20.41 -29.71 30.31
CA CYS E 202 -19.10 -29.26 29.89
C CYS E 202 -18.29 -30.44 29.40
N ASN E 203 -17.51 -30.24 28.33
CA ASN E 203 -16.77 -31.30 27.65
C ASN E 203 -15.28 -30.98 27.76
N VAL E 204 -14.63 -31.60 28.74
CA VAL E 204 -13.23 -31.34 29.06
C VAL E 204 -12.35 -32.31 28.29
N ASN E 205 -11.27 -31.80 27.71
CA ASN E 205 -10.35 -32.61 26.91
C ASN E 205 -8.92 -32.25 27.29
N HIS E 206 -8.17 -33.22 27.79
CA HIS E 206 -6.76 -33.05 28.16
C HIS E 206 -5.97 -34.16 27.46
N LYS E 207 -5.52 -33.89 26.23
CA LYS E 207 -4.86 -34.89 25.40
C LYS E 207 -3.47 -35.30 25.90
N PRO E 208 -2.69 -34.45 26.60
CA PRO E 208 -1.44 -34.96 27.18
C PRO E 208 -1.63 -36.22 28.03
N SER E 209 -2.78 -36.36 28.68
CA SER E 209 -3.07 -37.52 29.52
C SER E 209 -4.17 -38.41 28.93
N ASN E 210 -4.63 -38.12 27.71
CA ASN E 210 -5.68 -38.88 27.05
C ASN E 210 -6.96 -38.90 27.87
N THR E 211 -7.25 -37.78 28.53
CA THR E 211 -8.38 -37.67 29.44
C THR E 211 -9.49 -36.85 28.78
N LYS E 212 -10.67 -37.47 28.65
CA LYS E 212 -11.86 -36.78 28.16
C LYS E 212 -13.01 -37.09 29.10
N VAL E 213 -13.61 -36.04 29.67
CA VAL E 213 -14.67 -36.19 30.67
C VAL E 213 -15.80 -35.25 30.34
N ASP E 214 -17.03 -35.77 30.30
CA ASP E 214 -18.23 -34.97 30.17
C ASP E 214 -18.97 -35.00 31.50
N LYS E 215 -19.19 -33.83 32.10
CA LYS E 215 -19.86 -33.73 33.38
C LYS E 215 -21.06 -32.79 33.28
N ARG E 216 -22.23 -33.31 33.62
CA ARG E 216 -23.45 -32.51 33.66
C ARG E 216 -23.46 -31.63 34.91
N VAL E 217 -24.00 -30.43 34.77
CA VAL E 217 -24.07 -29.47 35.88
C VAL E 217 -25.54 -29.23 36.19
N GLU E 218 -25.94 -29.57 37.41
CA GLU E 218 -27.33 -29.49 37.86
C GLU E 218 -28.29 -30.12 36.85
N ASP F 1 24.03 -7.49 15.04
CA ASP F 1 22.71 -8.05 15.28
C ASP F 1 21.68 -6.94 15.55
N ILE F 2 20.56 -7.00 14.85
CA ILE F 2 19.54 -5.96 14.89
C ILE F 2 18.69 -6.13 16.13
N VAL F 3 18.34 -5.00 16.76
CA VAL F 3 17.42 -4.96 17.90
C VAL F 3 16.25 -4.06 17.54
N MET F 4 15.04 -4.52 17.83
CA MET F 4 13.82 -3.75 17.62
C MET F 4 13.24 -3.36 18.97
N THR F 5 13.02 -2.06 19.17
CA THR F 5 12.49 -1.54 20.42
C THR F 5 11.15 -0.87 20.15
N GLN F 6 10.10 -1.38 20.78
CA GLN F 6 8.76 -0.84 20.65
C GLN F 6 8.44 0.07 21.83
N SER F 7 7.71 1.15 21.55
CA SER F 7 7.32 2.10 22.58
C SER F 7 5.91 2.61 22.29
N PRO F 8 5.05 2.71 23.32
CA PRO F 8 5.28 2.35 24.71
C PRO F 8 5.02 0.86 24.93
N SER F 9 5.33 0.32 26.11
CA SER F 9 5.08 -1.10 26.33
C SER F 9 3.59 -1.38 26.47
N SER F 10 2.89 -0.56 27.24
CA SER F 10 1.44 -0.68 27.37
C SER F 10 0.80 0.69 27.14
N LEU F 11 -0.40 0.66 26.58
CA LEU F 11 -1.09 1.87 26.17
C LEU F 11 -2.58 1.65 26.30
N SER F 12 -3.29 2.66 26.81
CA SER F 12 -4.74 2.61 26.88
C SER F 12 -5.33 3.85 26.24
N ALA F 13 -6.39 3.65 25.46
CA ALA F 13 -7.11 4.73 24.80
C ALA F 13 -8.57 4.33 24.72
N SER F 14 -9.44 5.34 24.57
CA SER F 14 -10.87 5.09 24.54
C SER F 14 -11.41 5.09 23.11
N VAL F 15 -12.60 4.52 22.96
CA VAL F 15 -13.19 4.28 21.64
C VAL F 15 -13.29 5.59 20.87
N GLY F 16 -12.71 5.62 19.68
CA GLY F 16 -12.70 6.79 18.84
C GLY F 16 -11.39 7.54 18.81
N ASP F 17 -10.51 7.29 19.78
CA ASP F 17 -9.26 8.02 19.88
C ASP F 17 -8.31 7.65 18.75
N ARG F 18 -7.33 8.53 18.54
CA ARG F 18 -6.23 8.27 17.62
C ARG F 18 -5.07 7.65 18.38
N VAL F 19 -4.61 6.49 17.92
CA VAL F 19 -3.58 5.70 18.59
C VAL F 19 -2.41 5.53 17.64
N THR F 20 -1.19 5.77 18.14
CA THR F 20 0.01 5.54 17.36
C THR F 20 1.05 4.80 18.20
N ILE F 21 1.58 3.72 17.64
CA ILE F 21 2.59 2.87 18.28
C ILE F 21 3.91 3.10 17.56
N THR F 22 5.01 3.09 18.33
CA THR F 22 6.34 3.33 17.78
C THR F 22 7.16 2.06 17.82
N CYS F 23 7.96 1.85 16.77
CA CYS F 23 8.97 0.80 16.69
C CYS F 23 10.26 1.43 16.16
N ARG F 24 11.39 1.13 16.80
CA ARG F 24 12.66 1.74 16.45
C ARG F 24 13.74 0.69 16.31
N ALA F 25 14.42 0.69 15.17
CA ALA F 25 15.49 -0.25 14.89
C ALA F 25 16.84 0.37 15.19
N SER F 26 17.79 -0.48 15.59
CA SER F 26 19.14 -0.03 15.89
C SER F 26 19.94 0.29 14.64
N GLN F 27 19.44 -0.07 13.46
CA GLN F 27 20.08 0.26 12.19
C GLN F 27 19.00 0.64 11.19
N SER F 28 19.43 1.14 10.03
CA SER F 28 18.50 1.50 8.96
C SER F 28 18.08 0.25 8.21
N ILE F 29 16.77 0.00 8.18
CA ILE F 29 16.16 -1.22 7.65
C ILE F 29 15.14 -0.85 6.58
N SER F 30 15.51 0.07 5.68
CA SER F 30 14.70 1.21 5.24
C SER F 30 13.18 1.02 5.26
N ARG F 31 12.61 0.09 4.50
CA ARG F 31 11.16 -0.08 4.55
C ARG F 31 10.77 -1.54 4.74
N TYR F 32 11.67 -2.33 5.31
CA TYR F 32 11.44 -3.75 5.51
C TYR F 32 10.99 -4.01 6.94
N LEU F 33 9.79 -3.54 7.25
CA LEU F 33 9.21 -3.69 8.58
C LEU F 33 7.74 -4.03 8.47
N ASN F 34 7.29 -5.00 9.25
CA ASN F 34 5.92 -5.47 9.24
C ASN F 34 5.31 -5.34 10.62
N TRP F 35 3.98 -5.22 10.66
CA TRP F 35 3.21 -5.10 11.89
C TRP F 35 2.24 -6.26 12.00
N TYR F 36 2.08 -6.79 13.21
CA TYR F 36 1.16 -7.89 13.47
C TYR F 36 0.27 -7.55 14.65
N GLN F 37 -0.96 -8.08 14.62
CA GLN F 37 -1.92 -7.94 15.69
C GLN F 37 -2.20 -9.33 16.26
N GLN F 38 -2.04 -9.47 17.57
CA GLN F 38 -2.29 -10.75 18.24
C GLN F 38 -3.28 -10.54 19.38
N LYS F 39 -4.46 -11.07 19.21
CA LYS F 39 -5.37 -11.13 20.34
C LYS F 39 -5.10 -12.38 21.16
N PRO F 40 -5.28 -12.32 22.47
CA PRO F 40 -4.82 -13.40 23.35
C PRO F 40 -5.49 -14.74 23.03
N GLY F 41 -4.73 -15.81 23.20
CA GLY F 41 -5.21 -17.14 22.88
C GLY F 41 -5.46 -17.37 21.41
N LYS F 42 -4.96 -16.50 20.53
CA LYS F 42 -5.18 -16.62 19.10
C LYS F 42 -3.87 -16.36 18.37
N ALA F 43 -3.90 -16.58 17.06
CA ALA F 43 -2.72 -16.41 16.22
C ALA F 43 -2.53 -14.95 15.85
N PRO F 44 -1.28 -14.53 15.60
CA PRO F 44 -1.04 -13.18 15.09
C PRO F 44 -1.69 -12.97 13.73
N LYS F 45 -2.13 -11.73 13.50
CA LYS F 45 -2.76 -11.32 12.26
C LYS F 45 -1.90 -10.26 11.61
N LEU F 46 -1.59 -10.44 10.33
CA LEU F 46 -0.78 -9.47 9.60
C LEU F 46 -1.59 -8.22 9.31
N LEU F 47 -1.04 -7.06 9.63
CA LEU F 47 -1.69 -5.78 9.39
C LEU F 47 -0.99 -4.99 8.29
N ILE F 48 0.30 -4.71 8.44
CA ILE F 48 1.06 -3.93 7.49
C ILE F 48 2.33 -4.69 7.14
N TYR F 49 2.71 -4.67 5.87
CA TYR F 49 4.01 -5.14 5.41
C TYR F 49 4.64 -4.04 4.59
N ALA F 50 5.98 -4.09 4.47
CA ALA F 50 6.76 -3.07 3.78
C ALA F 50 6.57 -1.69 4.38
N ALA F 51 6.20 -1.66 5.66
CA ALA F 51 6.20 -0.49 6.54
C ALA F 51 5.10 0.52 6.20
N SER F 52 4.45 0.38 5.04
CA SER F 52 3.28 1.21 4.73
C SER F 52 2.17 0.48 3.99
N SER F 53 2.40 -0.68 3.40
CA SER F 53 1.39 -1.29 2.53
C SER F 53 0.42 -2.10 3.38
N LEU F 54 -0.86 -1.75 3.29
CA LEU F 54 -1.89 -2.32 4.15
C LEU F 54 -2.31 -3.69 3.62
N GLN F 55 -2.21 -4.72 4.46
CA GLN F 55 -2.62 -6.05 4.06
C GLN F 55 -4.11 -6.07 3.73
N SER F 56 -4.45 -6.81 2.67
CA SER F 56 -5.83 -6.86 2.22
C SER F 56 -6.73 -7.50 3.26
N GLY F 57 -7.96 -7.00 3.36
CA GLY F 57 -8.89 -7.45 4.37
C GLY F 57 -8.72 -6.80 5.72
N VAL F 58 -7.79 -5.86 5.86
CA VAL F 58 -7.57 -5.13 7.11
C VAL F 58 -8.26 -3.79 6.98
N PRO F 59 -9.02 -3.34 7.99
CA PRO F 59 -9.73 -2.07 7.88
C PRO F 59 -8.79 -0.91 7.57
N SER F 60 -9.32 0.09 6.87
CA SER F 60 -8.52 1.23 6.42
C SER F 60 -8.07 2.13 7.56
N ARG F 61 -8.64 1.98 8.76
CA ARG F 61 -8.21 2.81 9.88
C ARG F 61 -6.81 2.47 10.35
N PHE F 62 -6.28 1.32 9.95
CA PHE F 62 -4.89 0.97 10.22
C PHE F 62 -4.00 1.56 9.13
N SER F 63 -2.95 2.26 9.54
CA SER F 63 -2.00 2.84 8.61
C SER F 63 -0.59 2.72 9.17
N GLY F 64 0.36 2.41 8.28
CA GLY F 64 1.75 2.29 8.65
C GLY F 64 2.58 3.34 7.95
N SER F 65 3.62 3.82 8.64
CA SER F 65 4.49 4.84 8.10
C SER F 65 5.88 4.70 8.72
N GLY F 66 6.80 5.50 8.20
CA GLY F 66 8.17 5.50 8.67
C GLY F 66 9.10 4.75 7.72
N SER F 67 10.38 5.09 7.81
CA SER F 67 11.42 4.42 7.04
C SER F 67 12.78 4.80 7.62
N GLY F 68 13.72 3.87 7.53
CA GLY F 68 15.03 4.07 8.14
C GLY F 68 15.13 3.34 9.47
N THR F 69 15.00 4.07 10.58
CA THR F 69 15.04 3.49 11.91
C THR F 69 13.80 3.76 12.73
N ASP F 70 12.90 4.63 12.30
CA ASP F 70 11.72 5.01 13.06
C ASP F 70 10.48 4.69 12.25
N PHE F 71 9.59 3.89 12.83
CA PHE F 71 8.35 3.47 12.18
C PHE F 71 7.19 3.66 13.13
N THR F 72 5.99 3.80 12.54
CA THR F 72 4.80 4.11 13.33
C THR F 72 3.61 3.34 12.79
N LEU F 73 2.87 2.71 13.70
CA LEU F 73 1.56 2.14 13.40
C LEU F 73 0.49 3.04 13.99
N THR F 74 -0.48 3.44 13.16
CA THR F 74 -1.51 4.38 13.56
C THR F 74 -2.89 3.78 13.31
N ILE F 75 -3.76 3.85 14.32
CA ILE F 75 -5.17 3.51 14.18
C ILE F 75 -5.95 4.83 14.32
N SER F 76 -6.59 5.25 13.23
CA SER F 76 -7.17 6.60 13.18
C SER F 76 -8.30 6.77 14.19
N SER F 77 -9.24 5.82 14.23
CA SER F 77 -10.35 5.86 15.17
C SER F 77 -10.49 4.48 15.80
N LEU F 78 -10.10 4.36 17.06
CA LEU F 78 -10.05 3.08 17.73
C LEU F 78 -11.44 2.48 17.88
N GLN F 79 -11.53 1.16 17.68
CA GLN F 79 -12.81 0.45 17.79
C GLN F 79 -12.70 -0.68 18.81
N PRO F 80 -13.81 -1.03 19.47
CA PRO F 80 -13.73 -1.93 20.64
C PRO F 80 -13.00 -3.25 20.42
N GLU F 81 -13.02 -3.79 19.21
CA GLU F 81 -12.36 -5.06 18.94
C GLU F 81 -10.86 -4.93 18.67
N ASP F 82 -10.32 -3.71 18.70
CA ASP F 82 -8.93 -3.49 18.32
C ASP F 82 -7.97 -3.62 19.50
N PHE F 83 -8.45 -4.04 20.68
CA PHE F 83 -7.54 -4.31 21.78
C PHE F 83 -6.74 -5.58 21.48
N ALA F 84 -5.42 -5.47 21.57
CA ALA F 84 -4.53 -6.59 21.29
C ALA F 84 -3.10 -6.16 21.64
N THR F 85 -2.17 -7.07 21.42
CA THR F 85 -0.74 -6.79 21.54
C THR F 85 -0.13 -6.75 20.14
N TYR F 86 0.39 -5.59 19.75
CA TYR F 86 0.91 -5.39 18.41
C TYR F 86 2.42 -5.54 18.39
N TYR F 87 2.93 -6.20 17.36
CA TYR F 87 4.35 -6.49 17.21
C TYR F 87 4.86 -5.96 15.88
N CYS F 88 6.04 -5.34 15.90
CA CYS F 88 6.76 -5.04 14.68
C CYS F 88 7.80 -6.11 14.43
N GLN F 89 8.13 -6.33 13.16
CA GLN F 89 9.06 -7.39 12.78
C GLN F 89 9.97 -6.91 11.67
N GLN F 90 11.27 -7.15 11.85
CA GLN F 90 12.28 -6.79 10.86
C GLN F 90 12.45 -7.92 9.85
N SER F 91 12.55 -7.55 8.57
CA SER F 91 12.78 -8.50 7.49
C SER F 91 13.81 -7.94 6.51
N TYR F 92 14.88 -7.38 7.06
CA TYR F 92 15.92 -6.72 6.27
C TYR F 92 17.23 -7.49 6.23
N SER F 93 17.43 -8.44 7.13
CA SER F 93 18.72 -9.12 7.28
C SER F 93 18.94 -10.18 6.21
N THR F 94 20.21 -10.38 5.87
CA THR F 94 20.66 -11.47 5.03
C THR F 94 21.93 -12.06 5.64
N PRO F 95 21.91 -13.31 6.13
CA PRO F 95 20.80 -14.26 6.18
C PRO F 95 19.71 -13.84 7.17
N PRO F 96 18.53 -14.48 7.11
CA PRO F 96 17.40 -14.04 7.92
C PRO F 96 17.72 -13.92 9.40
N GLU F 97 17.18 -12.87 10.02
CA GLU F 97 17.16 -12.72 11.47
C GLU F 97 15.76 -12.60 12.03
N TYR F 98 14.82 -12.00 11.29
CA TYR F 98 13.40 -11.98 11.65
C TYR F 98 13.19 -11.40 13.04
N THR F 99 13.93 -10.35 13.37
CA THR F 99 13.88 -9.80 14.72
C THR F 99 12.53 -9.14 14.98
N PHE F 100 11.89 -9.56 16.07
CA PHE F 100 10.60 -9.03 16.50
C PHE F 100 10.81 -7.93 17.53
N GLY F 101 9.80 -7.07 17.64
CA GLY F 101 9.73 -6.18 18.78
C GLY F 101 9.14 -6.87 19.99
N GLN F 102 9.35 -6.25 21.16
CA GLN F 102 8.82 -6.83 22.38
C GLN F 102 7.31 -6.73 22.48
N GLY F 103 6.66 -6.01 21.58
CA GLY F 103 5.22 -5.91 21.59
C GLY F 103 4.71 -4.81 22.50
N THR F 104 3.59 -4.21 22.11
CA THR F 104 2.94 -3.16 22.89
C THR F 104 1.47 -3.53 23.01
N LYS F 105 1.01 -3.82 24.23
CA LYS F 105 -0.36 -4.26 24.44
C LYS F 105 -1.29 -3.05 24.54
N LEU F 106 -2.36 -3.07 23.76
CA LEU F 106 -3.32 -1.98 23.70
C LEU F 106 -4.60 -2.38 24.42
N GLU F 107 -4.91 -1.68 25.51
CA GLU F 107 -6.16 -1.88 26.23
C GLU F 107 -7.18 -0.83 25.79
N ILE F 108 -8.41 -1.28 25.57
CA ILE F 108 -9.49 -0.38 25.17
C ILE F 108 -10.05 0.26 26.42
N LYS F 109 -10.17 1.57 26.55
CA LYS F 109 -10.84 2.10 27.79
C LYS F 109 -12.34 2.55 27.73
N ARG F 110 -13.10 2.51 28.84
CA ARG F 110 -14.54 2.86 28.83
C ARG F 110 -15.22 3.37 30.13
N THR F 111 -16.56 3.45 30.16
CA THR F 111 -17.27 3.84 31.36
C THR F 111 -17.14 2.73 32.40
N VAL F 112 -17.06 3.13 33.68
CA VAL F 112 -16.98 2.18 34.75
C VAL F 112 -18.22 1.30 34.75
N ALA F 113 -18.04 0.04 35.11
CA ALA F 113 -19.14 -0.91 35.20
C ALA F 113 -18.93 -1.79 36.43
N ALA F 114 -19.88 -1.75 37.35
CA ALA F 114 -19.78 -2.56 38.55
C ALA F 114 -19.93 -4.03 38.20
N PRO F 115 -19.19 -4.91 38.87
CA PRO F 115 -19.31 -6.35 38.60
C PRO F 115 -20.49 -6.97 39.34
N SER F 116 -21.09 -7.96 38.70
CA SER F 116 -22.06 -8.83 39.34
C SER F 116 -21.32 -10.01 39.96
N VAL F 117 -21.55 -10.23 41.26
CA VAL F 117 -20.74 -11.14 42.06
C VAL F 117 -21.52 -12.44 42.28
N PHE F 118 -20.81 -13.56 42.18
CA PHE F 118 -21.38 -14.87 42.44
C PHE F 118 -20.41 -15.68 43.29
N ILE F 119 -20.95 -16.63 44.05
CA ILE F 119 -20.14 -17.52 44.87
C ILE F 119 -20.63 -18.95 44.69
N PHE F 120 -19.70 -19.89 44.70
CA PHE F 120 -20.02 -21.30 44.45
C PHE F 120 -19.39 -22.15 45.55
N PRO F 121 -20.20 -22.79 46.41
CA PRO F 121 -19.64 -23.72 47.38
C PRO F 121 -19.05 -24.93 46.70
N PRO F 122 -18.13 -25.65 47.34
CA PRO F 122 -17.53 -26.82 46.68
C PRO F 122 -18.59 -27.87 46.39
N SER F 123 -18.33 -28.64 45.33
CA SER F 123 -19.24 -29.70 44.94
C SER F 123 -19.11 -30.87 45.90
N ASP F 124 -20.26 -31.50 46.19
CA ASP F 124 -20.28 -32.68 47.07
C ASP F 124 -19.42 -33.82 46.51
N GLU F 125 -19.11 -33.79 45.21
CA GLU F 125 -18.22 -34.79 44.63
C GLU F 125 -16.75 -34.48 44.89
N GLN F 126 -16.38 -33.19 44.89
CA GLN F 126 -15.01 -32.83 45.24
C GLN F 126 -14.72 -33.07 46.71
N LEU F 127 -15.74 -32.93 47.57
CA LEU F 127 -15.55 -33.12 49.00
C LEU F 127 -15.21 -34.58 49.32
N LYS F 128 -15.68 -35.52 48.50
CA LYS F 128 -15.28 -36.91 48.69
C LYS F 128 -13.80 -37.14 48.37
N SER F 129 -13.21 -36.27 47.56
CA SER F 129 -11.78 -36.33 47.26
C SER F 129 -10.92 -35.73 48.37
N GLY F 130 -11.53 -35.24 49.45
CA GLY F 130 -10.76 -34.59 50.50
C GLY F 130 -10.39 -33.16 50.20
N THR F 131 -10.94 -32.58 49.14
CA THR F 131 -10.63 -31.22 48.73
C THR F 131 -11.90 -30.39 48.71
N ALA F 132 -11.77 -29.11 49.01
CA ALA F 132 -12.87 -28.17 48.95
C ALA F 132 -12.38 -26.89 48.30
N SER F 133 -12.87 -26.60 47.11
CA SER F 133 -12.55 -25.38 46.38
C SER F 133 -13.79 -24.50 46.29
N VAL F 134 -13.67 -23.27 46.77
CA VAL F 134 -14.73 -22.28 46.71
C VAL F 134 -14.37 -21.25 45.64
N VAL F 135 -15.34 -20.90 44.80
CA VAL F 135 -15.13 -20.03 43.66
C VAL F 135 -15.97 -18.77 43.82
N CYS F 136 -15.35 -17.62 43.60
CA CYS F 136 -16.03 -16.33 43.61
C CYS F 136 -15.86 -15.71 42.22
N LEU F 137 -16.99 -15.37 41.59
CA LEU F 137 -17.00 -14.93 40.19
C LEU F 137 -17.38 -13.46 40.10
N LEU F 138 -16.58 -12.71 39.36
CA LEU F 138 -16.83 -11.28 39.08
C LEU F 138 -17.05 -11.15 37.58
N ASN F 139 -18.27 -10.78 37.18
CA ASN F 139 -18.68 -10.85 35.78
C ASN F 139 -18.89 -9.47 35.20
N ASN F 140 -18.23 -9.20 34.08
CA ASN F 140 -18.53 -8.08 33.19
C ASN F 140 -18.41 -6.73 33.91
N PHE F 141 -17.17 -6.42 34.29
CA PHE F 141 -16.87 -5.16 34.97
C PHE F 141 -15.74 -4.43 34.24
N TYR F 142 -15.59 -3.15 34.58
CA TYR F 142 -14.51 -2.28 34.14
C TYR F 142 -14.39 -1.20 35.18
N PRO F 143 -13.15 -0.78 35.54
CA PRO F 143 -11.86 -1.20 34.98
C PRO F 143 -11.38 -2.58 35.45
N ARG F 144 -10.18 -2.95 34.99
CA ARG F 144 -9.65 -4.29 35.25
C ARG F 144 -9.34 -4.49 36.73
N GLU F 145 -8.81 -3.45 37.38
CA GLU F 145 -8.34 -3.60 38.74
C GLU F 145 -9.51 -3.70 39.72
N ALA F 146 -9.67 -4.87 40.32
CA ALA F 146 -10.59 -5.07 41.44
C ALA F 146 -9.83 -5.81 42.53
N LYS F 147 -10.49 -6.01 43.67
CA LYS F 147 -9.87 -6.71 44.78
C LYS F 147 -10.84 -7.76 45.32
N VAL F 148 -10.35 -8.99 45.41
CA VAL F 148 -11.12 -10.11 45.95
C VAL F 148 -10.56 -10.43 47.34
N GLN F 149 -11.40 -10.30 48.37
CA GLN F 149 -11.00 -10.55 49.74
C GLN F 149 -11.79 -11.75 50.26
N TRP F 150 -11.12 -12.88 50.37
CA TRP F 150 -11.73 -14.05 50.99
C TRP F 150 -11.71 -13.88 52.50
N LYS F 151 -12.86 -14.06 53.11
CA LYS F 151 -12.94 -14.13 54.55
C LYS F 151 -13.68 -15.40 54.92
N VAL F 152 -12.97 -16.30 55.60
CA VAL F 152 -13.60 -17.39 56.34
C VAL F 152 -13.69 -16.94 57.80
N ASP F 153 -14.92 -16.80 58.29
CA ASP F 153 -15.29 -16.46 59.67
C ASP F 153 -14.80 -15.07 60.07
N ASN F 154 -14.98 -14.09 59.18
CA ASN F 154 -14.41 -12.74 59.30
C ASN F 154 -12.89 -12.78 59.52
N ALA F 155 -12.28 -13.93 59.22
CA ALA F 155 -10.84 -14.10 59.27
C ALA F 155 -10.32 -14.00 57.85
N LEU F 156 -9.56 -12.95 57.61
CA LEU F 156 -9.11 -12.60 56.26
C LEU F 156 -8.12 -13.66 55.77
N GLN F 157 -8.53 -14.44 54.77
CA GLN F 157 -7.74 -15.56 54.28
C GLN F 157 -6.75 -15.09 53.23
N SER F 158 -5.50 -15.53 53.35
CA SER F 158 -4.46 -15.18 52.41
C SER F 158 -3.61 -16.41 52.10
N GLY F 159 -3.07 -16.46 50.88
CA GLY F 159 -2.16 -17.50 50.48
C GLY F 159 -2.78 -18.81 50.07
N ASN F 160 -4.10 -18.96 50.19
CA ASN F 160 -4.79 -20.16 49.75
C ASN F 160 -5.72 -19.89 48.58
N SER F 161 -5.52 -18.77 47.90
CA SER F 161 -6.42 -18.34 46.83
C SER F 161 -5.61 -17.82 45.66
N GLN F 162 -5.93 -18.28 44.45
CA GLN F 162 -5.43 -17.72 43.22
C GLN F 162 -6.60 -17.15 42.43
N GLU F 163 -6.30 -16.30 41.46
CA GLU F 163 -7.36 -15.73 40.64
C GLU F 163 -6.88 -15.56 39.21
N SER F 164 -7.84 -15.60 38.29
CA SER F 164 -7.58 -15.47 36.86
C SER F 164 -8.57 -14.47 36.27
N VAL F 165 -8.12 -13.69 35.30
CA VAL F 165 -8.92 -12.65 34.67
C VAL F 165 -8.99 -12.92 33.18
N THR F 166 -10.19 -12.85 32.62
CA THR F 166 -10.34 -12.92 31.18
C THR F 166 -9.78 -11.66 30.53
N GLU F 167 -9.52 -11.76 29.24
CA GLU F 167 -9.19 -10.55 28.50
C GLU F 167 -10.48 -9.82 28.13
N GLN F 168 -10.31 -8.58 27.67
CA GLN F 168 -11.46 -7.73 27.38
C GLN F 168 -12.42 -8.41 26.43
N ASP F 169 -13.70 -8.31 26.73
CA ASP F 169 -14.73 -8.72 25.78
C ASP F 169 -14.65 -7.82 24.56
N SER F 170 -14.59 -8.41 23.36
CA SER F 170 -14.37 -7.60 22.17
C SER F 170 -15.56 -6.73 21.81
N LYS F 171 -16.73 -6.99 22.39
CA LYS F 171 -17.93 -6.20 22.09
C LYS F 171 -18.23 -5.17 23.17
N ASP F 172 -18.41 -5.59 24.43
CA ASP F 172 -18.70 -4.64 25.49
C ASP F 172 -17.46 -4.19 26.25
N SER F 173 -16.30 -4.80 26.01
CA SER F 173 -15.01 -4.32 26.52
C SER F 173 -14.95 -4.35 28.05
N THR F 174 -15.51 -5.40 28.64
CA THR F 174 -15.43 -5.61 30.08
C THR F 174 -14.55 -6.81 30.39
N TYR F 175 -14.21 -6.95 31.66
CA TYR F 175 -13.42 -8.08 32.14
C TYR F 175 -14.26 -9.00 33.01
N SER F 176 -13.77 -10.22 33.20
CA SER F 176 -14.33 -11.17 34.14
C SER F 176 -13.20 -11.80 34.95
N LEU F 177 -13.43 -11.96 36.25
CA LEU F 177 -12.43 -12.50 37.17
C LEU F 177 -13.01 -13.75 37.84
N SER F 178 -12.15 -14.75 38.04
CA SER F 178 -12.49 -15.95 38.79
C SER F 178 -11.46 -16.14 39.88
N SER F 179 -11.90 -16.10 41.14
CA SER F 179 -11.05 -16.33 42.29
C SER F 179 -11.44 -17.66 42.94
N THR F 180 -10.45 -18.51 43.21
CA THR F 180 -10.69 -19.85 43.74
C THR F 180 -9.97 -20.01 45.07
N LEU F 181 -10.73 -20.27 46.12
CA LEU F 181 -10.19 -20.62 47.44
C LEU F 181 -10.27 -22.13 47.61
N THR F 182 -9.15 -22.74 47.97
CA THR F 182 -9.10 -24.19 48.14
C THR F 182 -8.48 -24.55 49.49
N LEU F 183 -9.20 -25.35 50.26
CA LEU F 183 -8.70 -25.89 51.52
C LEU F 183 -8.96 -27.39 51.53
N SER F 184 -8.32 -28.07 52.49
CA SER F 184 -8.65 -29.45 52.74
C SER F 184 -10.11 -29.57 53.16
N LYS F 185 -10.66 -30.77 53.03
CA LYS F 185 -12.00 -30.99 53.55
C LYS F 185 -12.05 -30.74 55.04
N ALA F 186 -11.11 -31.36 55.79
CA ALA F 186 -11.10 -31.22 57.24
C ALA F 186 -11.10 -29.76 57.67
N ASP F 187 -10.19 -28.96 57.09
CA ASP F 187 -10.14 -27.53 57.39
C ASP F 187 -11.36 -26.80 56.82
N TYR F 188 -11.89 -27.24 55.68
CA TYR F 188 -13.14 -26.69 55.20
C TYR F 188 -14.28 -26.95 56.18
N GLU F 189 -14.33 -28.15 56.76
CA GLU F 189 -15.37 -28.49 57.71
C GLU F 189 -15.15 -27.86 59.08
N LYS F 190 -14.01 -27.21 59.32
CA LYS F 190 -13.80 -26.49 60.57
C LYS F 190 -14.74 -25.31 60.67
N HIS F 191 -14.73 -24.45 59.66
CA HIS F 191 -15.43 -23.17 59.69
C HIS F 191 -16.84 -23.30 59.11
N LYS F 192 -17.58 -22.21 59.21
CA LYS F 192 -18.99 -22.16 58.86
C LYS F 192 -19.32 -21.10 57.83
N VAL F 193 -18.75 -19.90 57.95
CA VAL F 193 -19.10 -18.77 57.09
C VAL F 193 -17.96 -18.54 56.10
N TYR F 194 -18.25 -18.72 54.81
CA TYR F 194 -17.33 -18.42 53.74
C TYR F 194 -17.86 -17.25 52.93
N ALA F 195 -16.99 -16.29 52.64
CA ALA F 195 -17.43 -15.06 51.99
C ALA F 195 -16.28 -14.41 51.25
N CYS F 196 -16.54 -13.97 50.02
CA CYS F 196 -15.60 -13.17 49.26
C CYS F 196 -16.11 -11.73 49.25
N GLU F 197 -15.20 -10.79 49.50
CA GLU F 197 -15.55 -9.38 49.62
C GLU F 197 -14.93 -8.63 48.44
N VAL F 198 -15.80 -8.13 47.55
CA VAL F 198 -15.36 -7.47 46.31
C VAL F 198 -15.41 -5.96 46.51
N THR F 199 -14.30 -5.29 46.24
CA THR F 199 -14.25 -3.84 46.19
C THR F 199 -13.81 -3.42 44.79
N HIS F 200 -14.62 -2.57 44.16
CA HIS F 200 -14.42 -2.20 42.77
C HIS F 200 -14.82 -0.74 42.59
N GLN F 201 -14.21 -0.09 41.59
CA GLN F 201 -14.47 1.33 41.36
C GLN F 201 -15.95 1.60 41.11
N GLY F 202 -16.66 0.67 40.48
CA GLY F 202 -18.07 0.83 40.23
C GLY F 202 -18.99 0.59 41.41
N LEU F 203 -18.44 0.20 42.56
CA LEU F 203 -19.24 -0.10 43.73
C LEU F 203 -19.10 1.02 44.76
N SER F 204 -20.24 1.48 45.27
CA SER F 204 -20.23 2.46 46.34
C SER F 204 -19.62 1.91 47.62
N SER F 205 -19.60 0.60 47.77
CA SER F 205 -19.27 -0.07 49.02
C SER F 205 -18.89 -1.51 48.69
N PRO F 206 -18.00 -2.12 49.46
CA PRO F 206 -17.61 -3.51 49.15
C PRO F 206 -18.82 -4.44 49.21
N VAL F 207 -19.00 -5.20 48.13
CA VAL F 207 -20.10 -6.17 48.03
C VAL F 207 -19.64 -7.50 48.60
N THR F 208 -20.49 -8.10 49.41
CA THR F 208 -20.17 -9.35 50.11
C THR F 208 -21.19 -10.41 49.75
N LYS F 209 -20.74 -11.51 49.17
CA LYS F 209 -21.59 -12.66 48.90
C LYS F 209 -21.10 -13.82 49.73
N SER F 210 -22.00 -14.42 50.50
CA SER F 210 -21.62 -15.36 51.53
C SER F 210 -22.50 -16.60 51.45
N PHE F 211 -22.00 -17.69 52.03
CA PHE F 211 -22.83 -18.85 52.29
C PHE F 211 -22.38 -19.48 53.60
N ASN F 212 -23.21 -20.39 54.10
CA ASN F 212 -22.94 -21.12 55.33
C ASN F 212 -22.85 -22.60 55.02
N ARG F 213 -21.76 -23.22 55.46
CA ARG F 213 -21.51 -24.63 55.16
C ARG F 213 -22.62 -25.50 55.73
N GLY F 214 -23.22 -26.31 54.86
CA GLY F 214 -24.42 -27.05 55.19
C GLY F 214 -25.71 -26.35 54.82
N GLU F 215 -25.62 -25.23 54.10
CA GLU F 215 -26.77 -24.42 53.69
C GLU F 215 -27.82 -24.26 54.79
#